data_7CGY
#
_entry.id   7CGY
#
_cell.length_a   1.00
_cell.length_b   1.00
_cell.length_c   1.00
_cell.angle_alpha   90.00
_cell.angle_beta   90.00
_cell.angle_gamma   90.00
#
_symmetry.space_group_name_H-M   'P 1'
#
loop_
_entity.id
_entity.type
_entity.pdbx_description
1 polymer 'Meiotic recombination protein DMC1/LIM15 homolog'
2 non-polymer 'CALCIUM ION'
3 non-polymer 'PHOSPHOAMINOPHOSPHONIC ACID-ADENYLATE ESTER'
#
_entity_poly.entity_id   1
_entity_poly.type   'polypeptide(L)'
_entity_poly.pdbx_seq_one_letter_code
;MKEDQVVAEEPGFQDEEESLFQDIDLLQKHGINVADIKKLKSVGICTIKGIQMTTRRALCNVKGLSEAKVDKIKEAANKL
IEPGFLTAFEYSEKRKMVFHITTGSQEFDKLLGGGIESMAITEAFGEFRTGKTQLSHTLCVTAQLPGAGGYPGGKIIFID
TENTFRPDRLRDIADRFNVDHDAVLDNVLYARAYTSEHQMELLDYVAAKFHEEAGIFKLLIIDSIMALFRVDFSGRGELA
ERQMKLAQMLSRLQKISEEYNVAVFVTNQMTADPGATMTFQADPKKPIGGHILAHASTTRISLRKGRGELRIAKIYDSPE
MPENEATFAITAGGIGDAKE
;
_entity_poly.pdbx_strand_id   A,B,C
#
# COMPACT_ATOMS: atom_id res chain seq x y z
N GLN A 22 47.66 3.06 16.26
CA GLN A 22 46.30 2.54 16.17
C GLN A 22 46.04 1.92 14.80
N ASP A 23 46.54 2.57 13.75
CA ASP A 23 46.36 2.09 12.38
C ASP A 23 47.39 1.02 12.03
N ILE A 24 47.28 0.48 10.82
CA ILE A 24 48.18 -0.55 10.34
C ILE A 24 49.46 0.05 9.74
N ASP A 25 50.29 0.62 10.62
CA ASP A 25 51.55 1.23 10.21
C ASP A 25 52.61 0.99 11.26
N LEU A 26 52.19 0.55 12.44
CA LEU A 26 53.11 0.28 13.54
C LEU A 26 53.58 -1.17 13.50
N LEU A 27 53.02 -1.95 12.58
CA LEU A 27 53.38 -3.35 12.43
C LEU A 27 54.61 -3.52 11.54
N GLN A 28 54.98 -2.44 10.86
CA GLN A 28 56.13 -2.46 9.95
C GLN A 28 57.45 -2.53 10.72
N LYS A 29 57.45 -2.00 11.94
CA LYS A 29 58.64 -2.01 12.77
C LYS A 29 58.65 -3.18 13.75
N HIS A 30 58.27 -4.36 13.28
CA HIS A 30 58.25 -5.56 14.11
C HIS A 30 58.63 -6.80 13.32
N GLY A 31 58.46 -6.72 12.00
CA GLY A 31 58.80 -7.84 11.13
C GLY A 31 57.97 -7.86 9.86
N ILE A 32 56.71 -7.45 9.98
CA ILE A 32 55.81 -7.42 8.84
C ILE A 32 56.31 -6.47 7.75
N ASN A 33 56.41 -6.99 6.52
CA ASN A 33 56.88 -6.20 5.39
C ASN A 33 55.81 -5.27 4.84
N VAL A 34 56.20 -4.43 3.88
CA VAL A 34 55.28 -3.47 3.27
C VAL A 34 54.41 -4.08 2.17
N ALA A 35 54.71 -5.32 1.78
CA ALA A 35 53.95 -6.01 0.75
C ALA A 35 52.70 -6.68 1.33
N ASP A 36 52.63 -6.75 2.65
CA ASP A 36 51.50 -7.37 3.33
C ASP A 36 50.57 -6.32 3.92
N ILE A 37 51.11 -5.14 4.18
CA ILE A 37 50.33 -4.04 4.74
C ILE A 37 49.28 -3.54 3.75
N LYS A 38 49.69 -3.44 2.48
CA LYS A 38 48.78 -2.97 1.43
C LYS A 38 47.66 -3.97 1.16
N LYS A 39 47.96 -5.25 1.32
CA LYS A 39 46.97 -6.29 1.10
C LYS A 39 46.07 -6.47 2.31
N LEU A 40 46.51 -5.96 3.46
CA LEU A 40 45.74 -6.05 4.69
C LEU A 40 44.68 -4.96 4.76
N LYS A 41 44.97 -3.82 4.13
CA LYS A 41 44.04 -2.70 4.11
C LYS A 41 43.05 -2.84 2.97
N SER A 42 43.32 -3.77 2.06
CA SER A 42 42.45 -4.00 0.92
C SER A 42 41.22 -4.82 1.30
N VAL A 43 41.35 -5.60 2.38
CA VAL A 43 40.25 -6.43 2.85
C VAL A 43 39.29 -5.64 3.74
N GLY A 44 39.81 -4.66 4.45
CA GLY A 44 39.00 -3.84 5.33
C GLY A 44 39.75 -3.39 6.57
N ILE A 45 40.65 -4.24 7.06
CA ILE A 45 41.43 -3.93 8.25
C ILE A 45 42.14 -2.59 8.12
N CYS A 46 41.72 -1.62 8.95
CA CYS A 46 42.30 -0.29 8.92
C CYS A 46 42.83 0.09 10.30
N THR A 47 42.58 -0.77 11.28
CA THR A 47 43.03 -0.52 12.65
C THR A 47 43.82 -1.70 13.20
N ILE A 48 44.45 -1.50 14.36
CA ILE A 48 45.23 -2.54 15.00
C ILE A 48 44.30 -3.46 15.80
N LYS A 49 43.12 -2.95 16.11
CA LYS A 49 42.13 -3.71 16.87
C LYS A 49 41.29 -4.57 15.93
N GLY A 50 41.38 -4.29 14.63
CA GLY A 50 40.65 -5.03 13.63
C GLY A 50 41.33 -6.35 13.31
N ILE A 51 42.62 -6.44 13.62
CA ILE A 51 43.39 -7.64 13.39
C ILE A 51 43.10 -8.66 14.49
N GLN A 52 42.69 -8.15 15.65
CA GLN A 52 42.36 -9.00 16.79
C GLN A 52 40.85 -9.23 16.86
N MET A 53 40.13 -8.76 15.85
CA MET A 53 38.68 -8.93 15.80
C MET A 53 38.29 -9.88 14.66
N THR A 54 39.28 -10.33 13.91
CA THR A 54 39.03 -11.24 12.79
C THR A 54 39.78 -12.55 12.99
N THR A 55 39.10 -13.66 12.73
CA THR A 55 39.69 -14.99 12.88
C THR A 55 40.67 -15.31 11.76
N ARG A 56 41.47 -16.35 11.96
CA ARG A 56 42.46 -16.77 10.97
C ARG A 56 41.81 -17.36 9.73
N ARG A 57 40.65 -17.98 9.91
CA ARG A 57 39.93 -18.59 8.79
C ARG A 57 39.51 -17.54 7.76
N ALA A 58 39.11 -16.36 8.23
CA ALA A 58 38.70 -15.28 7.36
C ALA A 58 39.91 -14.56 6.77
N LEU A 59 41.05 -14.70 7.41
CA LEU A 59 42.28 -14.07 6.95
C LEU A 59 43.01 -14.95 5.93
N CYS A 60 42.55 -16.18 5.79
CA CYS A 60 43.13 -17.13 4.85
C CYS A 60 42.26 -17.25 3.60
N ASN A 61 41.28 -16.36 3.48
CA ASN A 61 40.37 -16.37 2.34
C ASN A 61 40.80 -15.33 1.30
N VAL A 62 42.00 -14.79 1.49
CA VAL A 62 42.54 -13.80 0.57
C VAL A 62 43.80 -14.31 -0.11
N LYS A 63 43.79 -14.32 -1.44
CA LYS A 63 44.93 -14.77 -2.21
C LYS A 63 46.12 -13.84 -2.03
N GLY A 64 47.24 -14.38 -1.54
CA GLY A 64 48.43 -13.60 -1.33
C GLY A 64 49.00 -13.76 0.07
N LEU A 65 48.33 -14.57 0.88
CA LEU A 65 48.78 -14.80 2.26
C LEU A 65 48.41 -16.20 2.73
N SER A 66 49.39 -17.10 2.70
CA SER A 66 49.19 -18.48 3.13
C SER A 66 49.23 -18.60 4.65
N GLU A 67 48.83 -19.76 5.15
CA GLU A 67 48.81 -20.03 6.59
C GLU A 67 50.09 -19.65 7.31
N ALA A 68 51.23 -20.04 6.76
CA ALA A 68 52.53 -19.74 7.34
C ALA A 68 52.70 -18.25 7.65
N LYS A 69 52.36 -17.41 6.68
CA LYS A 69 52.49 -15.96 6.85
C LYS A 69 51.25 -15.33 7.48
N VAL A 70 50.15 -16.06 7.51
CA VAL A 70 48.91 -15.55 8.08
C VAL A 70 48.89 -15.65 9.61
N ASP A 71 49.79 -16.45 10.16
CA ASP A 71 49.87 -16.63 11.60
C ASP A 71 50.97 -15.76 12.21
N LYS A 72 51.90 -15.31 11.36
CA LYS A 72 53.01 -14.49 11.81
C LYS A 72 52.60 -13.05 12.12
N ILE A 73 51.48 -12.62 11.57
CA ILE A 73 51.00 -11.26 11.79
C ILE A 73 50.38 -11.12 13.18
N LYS A 74 49.89 -12.23 13.73
CA LYS A 74 49.29 -12.24 15.05
C LYS A 74 50.37 -12.14 16.13
N GLU A 75 51.55 -12.67 15.82
CA GLU A 75 52.65 -12.64 16.77
C GLU A 75 53.09 -11.20 17.05
N ALA A 76 53.08 -10.38 16.01
CA ALA A 76 53.47 -8.97 16.14
C ALA A 76 52.30 -8.15 16.64
N ALA A 77 51.09 -8.70 16.53
CA ALA A 77 49.89 -8.01 16.98
C ALA A 77 49.63 -8.28 18.45
N ASN A 78 50.36 -9.24 19.01
CA ASN A 78 50.21 -9.60 20.42
C ASN A 78 51.19 -8.84 21.30
N LYS A 79 52.22 -8.27 20.69
CA LYS A 79 53.22 -7.51 21.42
C LYS A 79 52.89 -6.02 21.47
N LEU A 80 51.74 -5.66 20.90
CA LEU A 80 51.29 -4.27 20.88
C LEU A 80 50.32 -4.01 22.03
N ILE A 81 49.46 -4.99 22.30
CA ILE A 81 48.48 -4.89 23.37
C ILE A 81 48.43 -6.18 24.17
N GLU A 82 48.14 -6.06 25.46
CA GLU A 82 48.07 -7.23 26.33
C GLU A 82 46.98 -8.18 25.85
N PRO A 83 47.28 -9.46 25.65
CA PRO A 83 46.24 -10.49 25.62
C PRO A 83 45.94 -11.04 27.01
N GLY A 84 45.83 -10.15 27.99
CA GLY A 84 45.80 -10.57 29.37
C GLY A 84 44.47 -10.43 30.07
N PHE A 85 44.53 -10.20 31.37
CA PHE A 85 43.33 -10.10 32.21
C PHE A 85 43.44 -8.83 33.05
N LEU A 86 42.59 -7.86 32.77
CA LEU A 86 42.55 -6.65 33.58
C LEU A 86 41.78 -6.89 34.86
N THR A 87 42.18 -6.22 35.93
CA THR A 87 41.34 -6.15 37.11
C THR A 87 40.14 -5.26 36.79
N ALA A 88 39.00 -5.57 37.41
CA ALA A 88 37.79 -4.81 37.18
C ALA A 88 37.88 -3.36 37.66
N PHE A 89 38.77 -3.09 38.61
CA PHE A 89 39.04 -1.70 38.99
C PHE A 89 39.75 -0.95 37.87
N GLU A 90 40.62 -1.63 37.12
CA GLU A 90 41.29 -0.98 36.00
C GLU A 90 40.35 -0.84 34.81
N TYR A 91 39.33 -1.69 34.73
CA TYR A 91 38.38 -1.60 33.63
C TYR A 91 37.45 -0.41 33.79
N SER A 92 37.13 -0.02 35.02
CA SER A 92 36.34 1.19 35.23
C SER A 92 37.12 2.44 34.88
N GLU A 93 38.45 2.40 34.99
CA GLU A 93 39.25 3.50 34.49
C GLU A 93 39.24 3.57 32.98
N LYS A 94 39.10 2.43 32.32
CA LYS A 94 39.07 2.33 30.88
C LYS A 94 37.71 2.72 30.31
N ARG A 95 36.63 2.58 31.08
CA ARG A 95 35.28 2.86 30.62
C ARG A 95 34.84 4.27 30.96
N LYS A 96 35.78 5.21 30.95
CA LYS A 96 35.47 6.63 31.04
C LYS A 96 35.61 7.32 29.70
N MET A 97 35.91 6.57 28.65
CA MET A 97 35.82 7.10 27.29
C MET A 97 34.44 6.90 26.69
N VAL A 98 33.55 6.22 27.39
CA VAL A 98 32.17 6.05 26.93
C VAL A 98 31.40 7.33 27.21
N PHE A 99 30.82 7.90 26.17
CA PHE A 99 30.04 9.12 26.33
C PHE A 99 28.55 8.80 26.35
N HIS A 100 27.74 9.85 26.40
CA HIS A 100 26.29 9.74 26.48
C HIS A 100 25.69 10.89 25.70
N ILE A 101 24.84 10.58 24.72
CA ILE A 101 24.21 11.59 23.88
C ILE A 101 22.77 11.76 24.35
N THR A 102 22.38 13.01 24.61
CA THR A 102 21.05 13.32 25.07
C THR A 102 20.03 13.13 23.95
N THR A 103 18.75 13.08 24.32
CA THR A 103 17.68 12.87 23.36
C THR A 103 16.99 14.15 22.95
N GLY A 104 16.94 15.13 23.86
CA GLY A 104 16.27 16.39 23.58
C GLY A 104 15.30 16.73 24.68
N SER A 105 15.06 15.78 25.58
CA SER A 105 14.14 15.96 26.69
C SER A 105 14.71 15.28 27.92
N GLN A 106 14.65 16.00 29.04
CA GLN A 106 15.36 15.60 30.25
C GLN A 106 14.72 14.45 30.99
N GLU A 107 13.40 14.30 30.91
CA GLU A 107 12.72 13.16 31.52
C GLU A 107 13.07 11.84 30.83
N PHE A 108 13.33 11.89 29.53
CA PHE A 108 13.69 10.70 28.76
C PHE A 108 15.15 10.33 28.90
N ASP A 109 16.05 11.30 29.03
CA ASP A 109 17.44 11.03 29.38
C ASP A 109 17.58 10.43 30.76
N LYS A 110 16.73 10.86 31.69
CA LYS A 110 16.66 10.26 33.02
C LYS A 110 16.27 8.79 32.96
N LEU A 111 15.45 8.42 31.99
CA LEU A 111 15.01 7.03 31.85
C LEU A 111 16.15 6.15 31.36
N LEU A 112 16.92 6.64 30.39
CA LEU A 112 18.01 5.84 29.83
C LEU A 112 19.27 5.93 30.67
N GLY A 113 19.31 6.82 31.65
CA GLY A 113 20.48 6.94 32.50
C GLY A 113 21.57 7.78 31.87
N GLY A 114 21.22 8.97 31.39
CA GLY A 114 22.15 9.87 30.77
C GLY A 114 21.95 10.05 29.28
N GLY A 115 21.30 9.09 28.62
CA GLY A 115 21.06 9.20 27.20
C GLY A 115 21.41 7.94 26.43
N ILE A 116 21.97 8.10 25.25
CA ILE A 116 22.30 6.97 24.38
C ILE A 116 23.76 6.57 24.60
N GLU A 117 23.96 5.29 24.92
CA GLU A 117 25.27 4.74 25.26
C GLU A 117 26.19 4.75 24.05
N SER A 118 27.49 4.62 24.30
CA SER A 118 28.49 4.87 23.28
C SER A 118 29.15 3.64 22.69
N MET A 119 29.00 2.47 23.29
CA MET A 119 29.59 1.25 22.74
C MET A 119 28.57 0.13 22.74
N ALA A 120 27.38 0.43 22.24
CA ALA A 120 26.26 -0.48 22.34
C ALA A 120 25.32 -0.25 21.16
N ILE A 121 24.28 -1.08 21.09
CA ILE A 121 23.24 -0.98 20.08
C ILE A 121 21.92 -0.72 20.79
N THR A 122 21.28 0.40 20.44
CA THR A 122 20.03 0.83 21.04
C THR A 122 18.91 0.68 20.00
N GLU A 123 17.81 0.05 20.40
CA GLU A 123 16.69 -0.21 19.52
C GLU A 123 15.44 0.50 20.03
N ALA A 124 14.62 0.98 19.09
CA ALA A 124 13.35 1.59 19.43
C ALA A 124 12.28 1.06 18.48
N PHE A 125 11.17 0.58 19.02
CA PHE A 125 10.09 0.07 18.18
C PHE A 125 8.76 0.65 18.63
N GLY A 126 7.84 0.80 17.68
CA GLY A 126 6.56 1.40 17.93
C GLY A 126 5.55 1.00 16.88
N GLU A 127 4.34 1.55 16.98
CA GLU A 127 3.23 1.00 16.19
C GLU A 127 3.23 1.53 14.76
N PHE A 128 2.83 2.78 14.53
CA PHE A 128 3.18 3.43 13.28
C PHE A 128 3.44 4.93 13.37
N ARG A 129 2.87 5.62 14.36
CA ARG A 129 3.08 7.07 14.44
C ARG A 129 3.72 7.47 15.76
N THR A 130 4.35 6.52 16.44
CA THR A 130 4.89 6.72 17.78
C THR A 130 6.14 7.58 17.83
N GLY A 131 6.68 8.02 16.70
CA GLY A 131 7.79 8.94 16.71
C GLY A 131 9.16 8.31 16.66
N LYS A 132 9.38 7.41 15.69
CA LYS A 132 10.69 6.79 15.56
C LYS A 132 11.59 7.59 14.62
N THR A 133 11.03 8.10 13.52
CA THR A 133 11.78 9.00 12.66
C THR A 133 11.96 10.37 13.30
N GLN A 134 11.02 10.79 14.16
CA GLN A 134 11.17 12.07 14.84
C GLN A 134 12.27 12.03 15.89
N LEU A 135 12.45 10.89 16.55
CA LEU A 135 13.56 10.75 17.48
C LEU A 135 14.89 10.73 16.76
N SER A 136 14.93 10.21 15.54
CA SER A 136 16.18 10.14 14.80
C SER A 136 16.53 11.49 14.19
N HIS A 137 15.55 12.35 13.98
CA HIS A 137 15.82 13.67 13.43
C HIS A 137 16.35 14.63 14.48
N THR A 138 16.04 14.40 15.76
CA THR A 138 16.60 15.26 16.80
C THR A 138 18.04 14.91 17.08
N LEU A 139 18.40 13.62 16.97
CA LEU A 139 19.75 13.19 17.23
C LEU A 139 20.74 13.66 16.18
N CYS A 140 20.26 14.02 14.98
CA CYS A 140 21.13 14.64 14.00
C CYS A 140 21.47 16.09 14.34
N VAL A 141 20.77 16.69 15.30
CA VAL A 141 21.04 18.04 15.74
C VAL A 141 21.66 18.05 17.13
N THR A 142 21.12 17.27 18.04
CA THR A 142 21.52 17.32 19.44
C THR A 142 22.86 16.64 19.71
N ALA A 143 23.42 15.92 18.74
CA ALA A 143 24.72 15.29 18.91
C ALA A 143 25.87 16.16 18.42
N GLN A 144 25.59 17.29 17.80
CA GLN A 144 26.60 18.26 17.45
C GLN A 144 26.77 19.35 18.50
N LEU A 145 26.17 19.17 19.67
CA LEU A 145 26.15 20.19 20.70
C LEU A 145 26.87 19.70 21.95
N PRO A 146 27.77 20.50 22.52
CA PRO A 146 28.49 20.08 23.73
C PRO A 146 27.58 19.99 24.95
N GLY A 147 27.37 18.78 25.46
CA GLY A 147 26.45 18.53 26.55
C GLY A 147 27.13 18.10 27.83
N ALA A 148 26.52 17.13 28.49
CA ALA A 148 26.97 16.67 29.79
C ALA A 148 28.08 15.63 29.66
N GLY A 149 28.85 15.49 30.73
CA GLY A 149 29.95 14.55 30.75
C GLY A 149 31.15 14.93 29.93
N GLY A 150 31.26 16.17 29.49
CA GLY A 150 32.35 16.58 28.64
C GLY A 150 32.27 16.07 27.22
N TYR A 151 31.06 15.76 26.73
CA TYR A 151 30.89 15.26 25.39
C TYR A 151 31.07 16.39 24.38
N PRO A 152 32.05 16.32 23.48
CA PRO A 152 32.34 17.49 22.64
C PRO A 152 31.40 17.67 21.46
N GLY A 153 30.95 16.59 20.84
CA GLY A 153 30.05 16.72 19.70
C GLY A 153 30.73 16.62 18.34
N GLY A 154 30.26 15.72 17.50
CA GLY A 154 30.90 15.49 16.21
C GLY A 154 29.88 15.24 15.12
N LYS A 155 30.35 14.61 14.05
CA LYS A 155 29.53 14.40 12.87
C LYS A 155 28.74 13.08 12.97
N ILE A 156 27.86 12.86 12.00
CA ILE A 156 26.79 11.87 12.10
C ILE A 156 26.60 11.18 10.76
N ILE A 157 26.53 9.86 10.76
CA ILE A 157 26.19 9.07 9.58
C ILE A 157 24.72 8.66 9.67
N PHE A 158 23.98 8.81 8.58
CA PHE A 158 22.57 8.43 8.51
C PHE A 158 22.39 7.46 7.34
N ILE A 159 21.85 6.28 7.64
CA ILE A 159 21.48 5.31 6.61
C ILE A 159 19.96 5.17 6.68
N ASP A 160 19.27 5.57 5.61
CA ASP A 160 17.81 5.53 5.60
C ASP A 160 17.31 4.46 4.64
N THR A 161 16.29 3.72 5.09
CA THR A 161 15.76 2.63 4.30
C THR A 161 14.33 2.82 3.80
N GLU A 162 13.47 3.60 4.46
CA GLU A 162 12.18 3.80 3.81
C GLU A 162 12.19 4.92 2.79
N ASN A 163 12.00 6.16 3.24
CA ASN A 163 12.35 7.35 2.47
C ASN A 163 12.54 8.57 3.36
N THR A 164 12.41 8.43 4.66
CA THR A 164 12.01 9.55 5.52
C THR A 164 13.23 10.23 6.11
N PHE A 165 13.89 11.05 5.29
CA PHE A 165 14.97 11.92 5.72
C PHE A 165 14.73 13.32 5.13
N ARG A 166 13.59 13.91 5.47
CA ARG A 166 13.32 15.30 5.12
C ARG A 166 14.33 16.23 5.78
N PRO A 167 15.22 16.86 5.01
CA PRO A 167 16.24 17.72 5.63
C PRO A 167 15.72 19.07 6.07
N ASP A 168 14.52 19.46 5.66
CA ASP A 168 13.92 20.69 6.17
C ASP A 168 13.40 20.51 7.58
N ARG A 169 13.21 19.28 8.03
CA ARG A 169 12.82 19.05 9.42
C ARG A 169 13.95 19.36 10.37
N LEU A 170 15.20 19.29 9.90
CA LEU A 170 16.33 19.65 10.76
C LEU A 170 16.39 21.15 10.99
N ARG A 171 15.95 21.95 10.01
CA ARG A 171 15.94 23.39 10.18
C ARG A 171 14.79 23.88 11.06
N ASP A 172 13.90 23.00 11.49
CA ASP A 172 13.03 23.27 12.63
C ASP A 172 13.72 23.00 13.96
N ILE A 173 14.56 21.97 14.02
CA ILE A 173 15.19 21.58 15.27
C ILE A 173 16.49 22.37 15.47
N ALA A 174 17.05 22.93 14.41
CA ALA A 174 18.22 23.79 14.55
C ALA A 174 17.87 25.13 15.17
N ASP A 175 16.59 25.51 15.18
CA ASP A 175 16.19 26.81 15.72
C ASP A 175 16.00 26.80 17.23
N ARG A 176 15.50 25.71 17.80
CA ARG A 176 15.32 25.68 19.25
C ARG A 176 16.60 25.47 20.01
N PHE A 177 17.69 25.12 19.33
CA PHE A 177 19.00 25.04 19.93
C PHE A 177 19.89 26.21 19.53
N ASN A 178 19.39 27.07 18.63
CA ASN A 178 20.00 28.35 18.26
C ASN A 178 21.39 28.17 17.66
N VAL A 179 21.44 27.32 16.63
CA VAL A 179 22.62 27.13 15.82
C VAL A 179 22.25 27.47 14.38
N ASP A 180 23.26 27.80 13.58
CA ASP A 180 23.00 28.21 12.21
C ASP A 180 22.75 26.99 11.34
N HIS A 181 22.18 27.24 10.16
CA HIS A 181 21.66 26.13 9.36
C HIS A 181 22.73 25.53 8.47
N ASP A 182 23.84 26.22 8.27
CA ASP A 182 24.89 25.64 7.45
C ASP A 182 25.66 24.57 8.22
N ALA A 183 25.97 24.82 9.49
CA ALA A 183 26.80 23.93 10.28
C ALA A 183 26.02 22.73 10.81
N VAL A 184 24.70 22.76 10.68
CA VAL A 184 23.88 21.62 11.07
C VAL A 184 23.48 20.75 9.89
N LEU A 185 23.57 21.25 8.66
CA LEU A 185 23.31 20.46 7.47
C LEU A 185 24.58 19.96 6.81
N ASP A 186 25.74 20.22 7.41
CA ASP A 186 27.02 19.89 6.80
C ASP A 186 27.73 18.75 7.50
N ASN A 187 27.37 18.47 8.75
CA ASN A 187 27.96 17.39 9.53
C ASN A 187 27.12 16.13 9.51
N VAL A 188 26.17 16.03 8.60
CA VAL A 188 25.32 14.86 8.46
C VAL A 188 25.62 14.26 7.09
N LEU A 189 26.01 12.99 7.05
CA LEU A 189 26.20 12.29 5.80
C LEU A 189 25.07 11.31 5.58
N TYR A 190 24.62 11.20 4.34
CA TYR A 190 23.40 10.48 4.02
C TYR A 190 23.63 9.51 2.87
N ALA A 191 23.03 8.33 2.97
CA ALA A 191 23.05 7.35 1.89
C ALA A 191 21.86 6.43 2.09
N ARG A 192 21.09 6.21 1.04
CA ARG A 192 19.93 5.33 1.11
C ARG A 192 20.31 3.94 0.61
N ALA A 193 20.16 2.95 1.47
CA ALA A 193 20.24 1.57 1.02
C ALA A 193 18.96 1.16 0.33
N TYR A 194 19.10 0.61 -0.86
CA TYR A 194 17.96 0.16 -1.65
C TYR A 194 17.55 -1.27 -1.38
N THR A 195 18.48 -2.11 -0.95
CA THR A 195 18.21 -3.49 -0.60
C THR A 195 19.15 -3.90 0.52
N SER A 196 18.91 -5.12 1.03
CA SER A 196 19.64 -5.57 2.22
C SER A 196 21.08 -5.93 1.89
N GLU A 197 21.36 -6.29 0.63
CA GLU A 197 22.76 -6.43 0.25
C GLU A 197 23.44 -5.08 0.12
N HIS A 198 22.75 -4.10 -0.44
CA HIS A 198 23.26 -2.73 -0.46
C HIS A 198 23.33 -2.14 0.95
N GLN A 199 22.52 -2.64 1.88
CA GLN A 199 22.70 -2.32 3.29
C GLN A 199 23.97 -2.94 3.84
N MET A 200 24.35 -4.11 3.35
CA MET A 200 25.55 -4.80 3.81
C MET A 200 26.82 -4.15 3.29
N GLU A 201 26.89 -3.86 1.99
CA GLU A 201 28.06 -3.24 1.37
C GLU A 201 28.23 -1.77 1.74
N LEU A 202 27.24 -1.16 2.39
CA LEU A 202 27.36 0.24 2.76
C LEU A 202 28.16 0.43 4.04
N LEU A 203 28.39 -0.64 4.80
CA LEU A 203 29.17 -0.54 6.02
C LEU A 203 30.67 -0.53 5.77
N ASP A 204 31.11 -0.82 4.54
CA ASP A 204 32.51 -0.65 4.19
C ASP A 204 32.88 0.82 4.13
N TYR A 205 32.01 1.63 3.52
CA TYR A 205 32.23 3.07 3.47
C TYR A 205 32.00 3.73 4.81
N VAL A 206 31.27 3.07 5.72
CA VAL A 206 31.13 3.59 7.07
C VAL A 206 32.46 3.50 7.81
N ALA A 207 33.15 2.37 7.68
CA ALA A 207 34.45 2.22 8.31
C ALA A 207 35.51 3.05 7.62
N ALA A 208 35.44 3.18 6.30
CA ALA A 208 36.42 3.97 5.56
C ALA A 208 36.26 5.46 5.83
N LYS A 209 35.05 5.88 6.20
CA LYS A 209 34.86 7.27 6.60
C LYS A 209 35.20 7.48 8.06
N PHE A 210 35.02 6.47 8.90
CA PHE A 210 35.34 6.60 10.31
C PHE A 210 36.84 6.63 10.53
N HIS A 211 37.61 5.97 9.67
CA HIS A 211 39.03 5.79 9.90
C HIS A 211 39.86 6.98 9.45
N GLU A 212 39.55 7.57 8.30
CA GLU A 212 40.34 8.69 7.81
C GLU A 212 40.04 9.99 8.54
N GLU A 213 38.92 10.06 9.28
CA GLU A 213 38.58 11.20 10.13
C GLU A 213 38.44 10.64 11.54
N ALA A 214 39.56 10.57 12.25
CA ALA A 214 39.61 9.84 13.51
C ALA A 214 39.01 10.68 14.62
N GLY A 215 37.92 10.20 15.21
CA GLY A 215 37.36 10.78 16.41
C GLY A 215 36.38 11.93 16.21
N ILE A 216 36.02 12.26 14.98
CA ILE A 216 35.07 13.34 14.77
C ILE A 216 33.79 12.78 14.15
N PHE A 217 33.52 11.52 14.43
CA PHE A 217 32.22 10.93 14.15
C PHE A 217 31.71 10.30 15.43
N LYS A 218 30.43 10.52 15.73
CA LYS A 218 29.92 10.19 17.05
C LYS A 218 28.79 9.19 17.07
N LEU A 219 27.96 9.10 16.02
CA LEU A 219 26.94 8.09 16.00
C LEU A 219 26.66 7.63 14.58
N LEU A 220 25.79 6.63 14.49
CA LEU A 220 25.40 6.00 13.24
C LEU A 220 23.95 5.59 13.37
N ILE A 221 23.11 6.06 12.45
CA ILE A 221 21.68 5.78 12.48
C ILE A 221 21.33 4.92 11.27
N ILE A 222 20.74 3.76 11.52
CA ILE A 222 20.01 3.02 10.51
C ILE A 222 18.54 3.26 10.79
N ASP A 223 17.81 3.80 9.80
CA ASP A 223 16.46 4.28 10.02
C ASP A 223 15.51 3.12 10.28
N SER A 224 15.72 2.00 9.58
CA SER A 224 15.10 0.74 9.98
C SER A 224 15.96 -0.39 9.45
N ILE A 225 16.23 -1.36 10.31
CA ILE A 225 17.10 -2.47 9.94
C ILE A 225 16.35 -3.49 9.11
N MET A 226 15.03 -3.56 9.26
CA MET A 226 14.25 -4.63 8.65
C MET A 226 13.10 -4.13 7.79
N ALA A 227 13.16 -2.91 7.29
CA ALA A 227 12.26 -2.56 6.21
C ALA A 227 12.66 -3.27 4.92
N LEU A 228 13.94 -3.62 4.76
CA LEU A 228 14.44 -4.30 3.57
C LEU A 228 14.69 -5.77 3.77
N PHE A 229 14.92 -6.20 5.00
CA PHE A 229 15.19 -7.61 5.28
C PHE A 229 13.94 -8.48 5.16
N ARG A 230 12.85 -8.06 5.81
CA ARG A 230 11.61 -8.81 5.80
C ARG A 230 10.98 -8.95 4.41
N VAL A 231 11.01 -7.90 3.61
CA VAL A 231 10.41 -7.93 2.28
C VAL A 231 11.06 -8.90 1.30
N ASP A 232 12.38 -8.97 1.30
CA ASP A 232 13.09 -9.85 0.37
C ASP A 232 12.80 -11.34 0.58
N PHE A 233 12.89 -11.78 1.83
CA PHE A 233 12.67 -13.19 2.19
C PHE A 233 11.25 -13.48 2.62
N SER A 234 10.31 -13.39 1.67
CA SER A 234 8.91 -13.64 1.94
C SER A 234 8.61 -15.07 2.38
N GLY A 235 9.27 -16.04 1.74
CA GLY A 235 9.02 -17.44 2.03
C GLY A 235 9.38 -17.95 3.42
N ARG A 236 8.49 -18.75 3.98
CA ARG A 236 8.68 -19.36 5.30
C ARG A 236 9.84 -20.35 5.33
N GLY A 237 9.98 -21.12 4.26
CA GLY A 237 11.01 -22.14 4.16
C GLY A 237 12.46 -21.67 4.21
N GLU A 238 12.76 -20.56 3.56
CA GLU A 238 14.13 -20.05 3.53
C GLU A 238 14.43 -19.07 4.67
N LEU A 239 13.44 -18.88 5.54
CA LEU A 239 13.58 -17.98 6.68
C LEU A 239 14.87 -18.15 7.49
N ALA A 240 15.31 -19.40 7.69
CA ALA A 240 16.52 -19.62 8.49
C ALA A 240 17.75 -18.84 8.01
N GLU A 241 17.95 -18.73 6.70
CA GLU A 241 19.12 -17.99 6.21
C GLU A 241 19.11 -16.53 6.66
N ARG A 242 17.95 -15.90 6.65
CA ARG A 242 17.84 -14.50 7.08
C ARG A 242 18.39 -14.31 8.49
N GLN A 243 18.54 -15.41 9.22
CA GLN A 243 19.04 -15.39 10.57
C GLN A 243 20.54 -15.64 10.61
N MET A 244 21.13 -16.12 9.52
CA MET A 244 22.57 -16.04 9.39
C MET A 244 23.01 -14.85 8.57
N LYS A 245 22.08 -14.05 8.05
CA LYS A 245 22.45 -12.81 7.37
C LYS A 245 22.13 -11.57 8.18
N LEU A 246 21.19 -11.65 9.12
CA LEU A 246 21.11 -10.63 10.15
C LEU A 246 22.28 -10.75 11.10
N ALA A 247 22.67 -11.99 11.42
CA ALA A 247 23.76 -12.23 12.34
C ALA A 247 25.10 -11.78 11.75
N GLN A 248 25.19 -11.62 10.43
CA GLN A 248 26.36 -10.93 9.89
C GLN A 248 26.40 -9.48 10.30
N MET A 249 25.31 -8.71 10.07
CA MET A 249 25.41 -7.28 10.26
C MET A 249 25.02 -6.83 11.66
N LEU A 250 24.62 -7.77 12.52
CA LEU A 250 24.42 -7.39 13.91
C LEU A 250 25.73 -7.46 14.70
N SER A 251 26.70 -8.24 14.22
CA SER A 251 28.01 -8.29 14.85
C SER A 251 29.03 -7.45 14.10
N ARG A 252 28.84 -7.29 12.78
CA ARG A 252 29.52 -6.24 12.02
C ARG A 252 29.29 -4.88 12.65
N LEU A 253 28.07 -4.62 13.11
CA LEU A 253 27.73 -3.33 13.68
C LEU A 253 28.27 -3.17 15.09
N GLN A 254 28.32 -4.26 15.85
CA GLN A 254 28.88 -4.21 17.19
C GLN A 254 30.40 -4.04 17.15
N LYS A 255 31.05 -4.58 16.12
CA LYS A 255 32.50 -4.46 16.02
C LYS A 255 32.90 -3.07 15.56
N ILE A 256 32.08 -2.42 14.73
CA ILE A 256 32.38 -1.06 14.30
C ILE A 256 32.28 -0.10 15.47
N SER A 257 31.31 -0.30 16.34
CA SER A 257 31.10 0.57 17.49
C SER A 257 32.21 0.45 18.53
N GLU A 258 33.01 -0.61 18.53
CA GLU A 258 34.09 -0.75 19.50
C GLU A 258 35.46 -0.35 18.98
N GLU A 259 35.73 -0.49 17.68
CA GLU A 259 36.99 0.01 17.15
C GLU A 259 37.03 1.53 17.18
N TYR A 260 35.92 2.17 16.84
CA TYR A 260 35.91 3.61 16.61
C TYR A 260 35.15 4.39 17.67
N ASN A 261 34.51 3.71 18.63
CA ASN A 261 33.83 4.31 19.78
C ASN A 261 32.71 5.26 19.33
N VAL A 262 31.72 4.68 18.67
CA VAL A 262 30.56 5.42 18.18
C VAL A 262 29.30 4.74 18.70
N ALA A 263 28.25 5.54 18.88
CA ALA A 263 26.95 5.02 19.25
C ALA A 263 26.25 4.47 18.03
N VAL A 264 25.35 3.52 18.26
CA VAL A 264 24.57 2.89 17.20
C VAL A 264 23.11 2.92 17.61
N PHE A 265 22.28 3.58 16.81
CA PHE A 265 20.85 3.69 17.07
C PHE A 265 20.09 3.14 15.88
N VAL A 266 19.33 2.06 16.09
CA VAL A 266 18.49 1.49 15.05
C VAL A 266 17.04 1.56 15.52
N THR A 267 16.13 1.59 14.56
CA THR A 267 14.71 1.58 14.87
C THR A 267 14.08 0.35 14.23
N ASN A 268 12.97 -0.09 14.78
CA ASN A 268 12.34 -1.33 14.35
C ASN A 268 10.85 -1.12 14.17
N GLN A 269 10.26 -1.95 13.32
CA GLN A 269 8.83 -1.94 13.08
C GLN A 269 8.18 -3.07 13.87
N MET A 270 6.86 -3.19 13.80
CA MET A 270 6.14 -4.19 14.57
C MET A 270 5.21 -4.98 13.67
N THR A 271 4.66 -6.06 14.25
CA THR A 271 3.71 -6.91 13.56
C THR A 271 2.68 -7.39 14.56
N ALA A 272 1.63 -8.02 14.05
CA ALA A 272 0.49 -8.39 14.86
C ALA A 272 0.62 -9.83 15.37
N PRO A 284 -0.47 -8.13 21.81
CA PRO A 284 -0.88 -8.61 20.49
C PRO A 284 0.12 -8.16 19.46
N LYS A 285 1.19 -7.54 19.94
CA LYS A 285 2.25 -7.02 19.09
C LYS A 285 3.60 -7.41 19.70
N LYS A 286 4.59 -7.54 18.81
CA LYS A 286 5.97 -7.75 19.19
C LYS A 286 6.81 -7.43 17.97
N PRO A 287 8.04 -6.96 18.11
CA PRO A 287 8.80 -6.51 16.95
C PRO A 287 9.21 -7.64 16.02
N ILE A 288 9.74 -7.26 14.86
CA ILE A 288 10.14 -8.26 13.87
C ILE A 288 11.63 -8.53 14.01
N GLY A 289 12.04 -9.78 13.79
CA GLY A 289 13.41 -10.22 13.91
C GLY A 289 13.60 -11.28 14.97
N GLY A 290 12.76 -11.28 16.00
CA GLY A 290 12.76 -12.34 16.98
C GLY A 290 13.91 -12.28 17.94
N HIS A 291 14.47 -13.46 18.23
CA HIS A 291 15.40 -13.60 19.32
C HIS A 291 16.81 -13.16 18.97
N ILE A 292 17.18 -13.15 17.69
CA ILE A 292 18.54 -12.74 17.33
C ILE A 292 18.70 -11.24 17.51
N LEU A 293 17.72 -10.45 17.05
CA LEU A 293 17.75 -9.02 17.30
C LEU A 293 17.55 -8.70 18.77
N ALA A 294 16.70 -9.46 19.47
CA ALA A 294 16.47 -9.19 20.89
C ALA A 294 17.67 -9.52 21.74
N HIS A 295 18.49 -10.47 21.31
CA HIS A 295 19.71 -10.78 22.05
C HIS A 295 20.82 -9.78 21.75
N ALA A 296 21.01 -9.44 20.48
CA ALA A 296 22.09 -8.57 20.06
C ALA A 296 21.87 -7.10 20.41
N SER A 297 20.68 -6.73 20.83
CA SER A 297 20.39 -5.35 21.23
C SER A 297 20.70 -5.18 22.71
N THR A 298 21.46 -4.14 23.01
CA THR A 298 21.82 -3.85 24.40
C THR A 298 20.69 -3.16 25.14
N THR A 299 19.93 -2.30 24.46
CA THR A 299 18.84 -1.55 25.08
C THR A 299 17.69 -1.42 24.09
N ARG A 300 16.48 -1.78 24.52
CA ARG A 300 15.30 -1.61 23.70
C ARG A 300 14.33 -0.65 24.38
N ILE A 301 13.78 0.27 23.61
CA ILE A 301 12.81 1.24 24.11
C ILE A 301 11.52 1.01 23.34
N SER A 302 10.45 0.65 24.04
CA SER A 302 9.15 0.59 23.40
C SER A 302 8.50 1.96 23.38
N LEU A 303 7.74 2.24 22.33
CA LEU A 303 7.08 3.52 22.17
C LEU A 303 5.60 3.29 21.86
N ARG A 304 4.73 3.94 22.62
CA ARG A 304 3.30 3.88 22.36
C ARG A 304 2.71 5.27 22.54
N LYS A 305 1.47 5.43 22.11
CA LYS A 305 0.84 6.75 21.95
C LYS A 305 -0.05 7.09 23.15
N GLY A 306 0.00 8.35 23.57
CA GLY A 306 -0.91 8.88 24.57
C GLY A 306 -1.90 9.82 23.91
N ARG A 307 -2.45 10.80 24.65
CA ARG A 307 -3.41 11.71 24.04
C ARG A 307 -2.64 12.71 23.19
N GLY A 308 -3.09 12.91 21.95
CA GLY A 308 -2.58 14.01 21.14
C GLY A 308 -1.13 13.86 20.71
N GLU A 309 -0.24 14.67 21.29
CA GLU A 309 1.17 14.64 20.96
C GLU A 309 2.03 14.07 22.08
N LEU A 310 1.41 13.45 23.08
CA LEU A 310 2.16 12.78 24.13
C LEU A 310 2.38 11.33 23.77
N ARG A 311 3.59 10.83 24.04
CA ARG A 311 3.92 9.44 23.85
C ARG A 311 4.51 8.88 25.14
N ILE A 312 4.52 7.56 25.25
CA ILE A 312 5.03 6.86 26.43
C ILE A 312 6.22 6.01 25.99
N ALA A 313 7.23 5.89 26.85
CA ALA A 313 8.45 5.17 26.54
C ALA A 313 8.79 4.22 27.68
N LYS A 314 8.71 2.92 27.43
CA LYS A 314 9.07 1.91 28.41
C LYS A 314 10.42 1.29 28.04
N ILE A 315 11.07 0.69 29.03
CA ILE A 315 12.39 0.08 28.87
C ILE A 315 12.21 -1.43 28.80
N TYR A 316 12.70 -2.02 27.72
CA TYR A 316 12.85 -3.46 27.58
C TYR A 316 14.33 -3.78 27.48
N ASP A 317 14.79 -4.74 28.29
CA ASP A 317 16.12 -5.36 28.15
C ASP A 317 17.25 -4.34 28.23
N SER A 318 17.42 -3.79 29.42
CA SER A 318 18.60 -2.96 29.65
C SER A 318 19.51 -3.61 30.68
N PRO A 319 20.83 -3.45 30.59
CA PRO A 319 21.73 -4.08 31.58
C PRO A 319 21.81 -3.34 32.89
N GLU A 320 21.45 -2.06 32.94
CA GLU A 320 21.57 -1.25 34.15
C GLU A 320 20.23 -0.72 34.65
N MET A 321 19.40 -0.23 33.77
CA MET A 321 18.22 0.53 34.15
C MET A 321 17.02 -0.38 34.38
N PRO A 322 16.13 -0.03 35.30
CA PRO A 322 14.92 -0.82 35.51
C PRO A 322 13.81 -0.40 34.56
N GLU A 323 12.70 -1.13 34.63
CA GLU A 323 11.56 -0.92 33.75
C GLU A 323 10.73 0.24 34.27
N ASN A 324 10.90 1.42 33.66
CA ASN A 324 10.13 2.58 34.05
C ASN A 324 9.52 3.21 32.81
N GLU A 325 8.82 4.33 33.00
CA GLU A 325 8.12 5.01 31.92
C GLU A 325 8.38 6.51 32.01
N ALA A 326 8.15 7.18 30.88
CA ALA A 326 8.36 8.62 30.77
C ALA A 326 7.29 9.17 29.84
N THR A 327 7.46 10.44 29.45
CA THR A 327 6.50 11.11 28.57
C THR A 327 7.18 12.19 27.75
N PHE A 328 7.22 11.98 26.43
CA PHE A 328 7.81 12.93 25.52
C PHE A 328 6.78 13.38 24.51
N ALA A 329 6.71 14.68 24.25
CA ALA A 329 5.74 15.20 23.29
C ALA A 329 6.41 15.69 22.02
N ILE A 330 5.91 15.20 20.88
CA ILE A 330 6.46 15.60 19.58
C ILE A 330 5.95 16.99 19.22
N THR A 331 6.85 17.96 19.27
CA THR A 331 6.53 19.34 18.97
C THR A 331 7.28 19.79 17.73
N ALA A 332 7.09 21.05 17.35
CA ALA A 332 7.91 21.66 16.30
C ALA A 332 9.29 21.89 16.88
N GLY A 333 10.20 20.97 16.62
CA GLY A 333 11.48 20.95 17.30
C GLY A 333 11.76 19.56 17.82
N GLY A 334 10.92 18.61 17.42
CA GLY A 334 11.13 17.22 17.76
C GLY A 334 10.69 16.83 19.14
N ILE A 335 11.59 16.21 19.90
CA ILE A 335 11.24 15.65 21.20
C ILE A 335 11.34 16.73 22.25
N GLY A 336 10.31 16.84 23.09
CA GLY A 336 10.26 17.81 24.16
C GLY A 336 9.58 17.27 25.40
N ASP A 337 8.95 18.14 26.18
CA ASP A 337 8.37 17.73 27.46
C ASP A 337 6.87 17.98 27.56
N GLN B 22 20.79 6.55 -18.01
CA GLN B 22 19.63 6.10 -17.24
C GLN B 22 19.17 4.72 -17.71
N ASP B 23 18.75 4.62 -18.97
CA ASP B 23 18.32 3.33 -19.49
C ASP B 23 19.52 2.49 -19.92
N ILE B 24 19.26 1.24 -20.26
CA ILE B 24 20.32 0.24 -20.41
C ILE B 24 20.75 0.29 -21.88
N ASP B 25 21.62 1.25 -22.17
CA ASP B 25 22.59 1.10 -23.24
C ASP B 25 23.96 1.51 -22.76
N LEU B 26 24.04 2.21 -21.62
CA LEU B 26 25.29 2.72 -21.09
C LEU B 26 26.10 1.65 -20.38
N LEU B 27 25.55 0.45 -20.17
CA LEU B 27 26.34 -0.67 -19.70
C LEU B 27 27.15 -1.30 -20.81
N GLN B 28 26.79 -1.05 -22.08
CA GLN B 28 27.44 -1.70 -23.21
C GLN B 28 28.87 -1.20 -23.38
N LYS B 29 29.13 0.06 -23.08
CA LYS B 29 30.46 0.65 -23.18
C LYS B 29 31.34 0.34 -21.98
N HIS B 30 30.86 -0.47 -21.03
CA HIS B 30 31.62 -0.77 -19.83
C HIS B 30 31.80 -2.28 -19.64
N GLY B 31 31.91 -3.02 -20.74
CA GLY B 31 32.33 -4.40 -20.67
C GLY B 31 31.26 -5.44 -20.85
N ILE B 32 29.99 -5.06 -21.01
CA ILE B 32 28.90 -6.01 -21.19
C ILE B 32 28.53 -6.01 -22.66
N ASN B 33 28.47 -7.21 -23.24
CA ASN B 33 28.08 -7.41 -24.62
C ASN B 33 26.58 -7.19 -24.80
N VAL B 34 26.13 -7.22 -26.06
CA VAL B 34 24.72 -7.06 -26.36
C VAL B 34 23.93 -8.32 -25.99
N ALA B 35 24.60 -9.47 -25.83
CA ALA B 35 23.97 -10.77 -25.63
C ALA B 35 23.19 -10.88 -24.32
N ASP B 36 23.51 -10.09 -23.31
CA ASP B 36 22.84 -10.18 -22.01
C ASP B 36 22.02 -8.96 -21.64
N ILE B 37 22.01 -7.92 -22.47
CA ILE B 37 21.18 -6.76 -22.20
C ILE B 37 19.70 -7.08 -22.42
N LYS B 38 19.40 -7.71 -23.55
CA LYS B 38 18.04 -8.02 -23.98
C LYS B 38 17.32 -9.02 -23.09
N LYS B 39 18.02 -9.77 -22.25
CA LYS B 39 17.38 -10.58 -21.24
C LYS B 39 17.16 -9.84 -19.93
N LEU B 40 17.95 -8.79 -19.66
CA LEU B 40 17.63 -7.91 -18.53
C LEU B 40 16.41 -7.08 -18.82
N LYS B 41 16.19 -6.72 -20.09
CA LYS B 41 14.95 -6.04 -20.48
C LYS B 41 13.78 -6.99 -20.56
N SER B 42 14.02 -8.30 -20.43
CA SER B 42 12.95 -9.29 -20.48
C SER B 42 12.30 -9.54 -19.14
N VAL B 43 12.99 -9.35 -18.01
CA VAL B 43 12.33 -9.54 -16.73
C VAL B 43 11.56 -8.28 -16.32
N GLY B 44 11.98 -7.10 -16.80
CA GLY B 44 11.39 -5.87 -16.36
C GLY B 44 12.37 -4.76 -16.04
N ILE B 45 13.67 -5.06 -16.00
CA ILE B 45 14.67 -4.05 -15.65
C ILE B 45 15.02 -3.25 -16.91
N CYS B 46 14.78 -1.94 -16.87
CA CYS B 46 15.07 -1.05 -17.99
C CYS B 46 15.86 0.18 -17.59
N THR B 47 16.38 0.26 -16.37
CA THR B 47 17.00 1.46 -15.85
C THR B 47 18.26 1.06 -15.08
N ILE B 48 19.27 1.93 -15.12
CA ILE B 48 20.49 1.74 -14.35
C ILE B 48 20.17 1.63 -12.85
N LYS B 49 19.20 2.43 -12.38
CA LYS B 49 18.75 2.31 -11.00
C LYS B 49 17.96 1.03 -10.78
N GLY B 50 17.34 0.47 -11.82
CA GLY B 50 16.61 -0.77 -11.67
C GLY B 50 17.49 -1.96 -11.34
N ILE B 51 18.78 -1.89 -11.72
CA ILE B 51 19.71 -2.90 -11.27
C ILE B 51 20.12 -2.64 -9.83
N GLN B 52 20.18 -1.37 -9.42
CA GLN B 52 20.45 -1.06 -8.02
C GLN B 52 19.26 -1.37 -7.12
N MET B 53 18.05 -1.41 -7.66
CA MET B 53 16.87 -1.82 -6.90
C MET B 53 16.76 -3.34 -6.80
N THR B 54 17.44 -4.06 -7.68
CA THR B 54 17.31 -5.50 -7.79
C THR B 54 18.52 -6.18 -7.15
N THR B 55 18.25 -7.24 -6.42
CA THR B 55 19.25 -7.96 -5.67
C THR B 55 20.08 -8.85 -6.59
N ARG B 56 21.13 -9.46 -6.04
CA ARG B 56 21.76 -10.54 -6.75
C ARG B 56 20.99 -11.84 -6.66
N ARG B 57 19.92 -11.85 -5.88
CA ARG B 57 19.08 -13.03 -5.73
C ARG B 57 18.04 -13.11 -6.85
N ALA B 58 17.44 -11.97 -7.20
CA ALA B 58 16.43 -11.91 -8.24
C ALA B 58 17.05 -11.95 -9.63
N LEU B 59 18.38 -11.84 -9.71
CA LEU B 59 19.09 -11.83 -10.96
C LEU B 59 19.58 -13.23 -11.35
N CYS B 60 19.49 -14.22 -10.43
CA CYS B 60 19.93 -15.57 -10.73
C CYS B 60 18.80 -16.46 -11.27
N ASN B 61 17.54 -16.18 -10.91
CA ASN B 61 16.49 -17.05 -11.41
C ASN B 61 16.05 -16.74 -12.83
N VAL B 62 16.67 -15.80 -13.53
CA VAL B 62 16.50 -15.79 -14.98
C VAL B 62 17.45 -16.85 -15.54
N LYS B 63 16.92 -17.73 -16.39
CA LYS B 63 17.72 -18.82 -16.94
C LYS B 63 18.64 -18.28 -18.02
N GLY B 64 19.93 -18.45 -17.79
CA GLY B 64 20.93 -18.06 -18.76
C GLY B 64 21.96 -17.12 -18.18
N LEU B 65 21.91 -16.86 -16.88
CA LEU B 65 22.88 -15.99 -16.26
C LEU B 65 23.34 -16.62 -14.95
N SER B 66 24.64 -16.93 -14.89
CA SER B 66 25.21 -17.67 -13.78
C SER B 66 26.25 -16.81 -13.04
N GLU B 67 26.91 -17.42 -12.07
CA GLU B 67 27.38 -16.72 -10.88
C GLU B 67 28.57 -15.80 -11.14
N ALA B 68 29.51 -16.24 -11.98
CA ALA B 68 30.70 -15.44 -12.27
C ALA B 68 30.43 -14.37 -13.31
N LYS B 69 29.27 -14.42 -13.95
CA LYS B 69 28.85 -13.42 -14.91
C LYS B 69 27.68 -12.58 -14.42
N VAL B 70 26.95 -13.04 -13.40
CA VAL B 70 25.91 -12.22 -12.78
C VAL B 70 26.51 -11.05 -12.00
N ASP B 71 27.77 -11.14 -11.56
CA ASP B 71 28.33 -10.12 -10.69
C ASP B 71 28.80 -8.90 -11.48
N LYS B 72 29.32 -9.10 -12.69
CA LYS B 72 30.02 -8.04 -13.42
C LYS B 72 29.08 -6.96 -13.94
N ILE B 73 27.77 -7.19 -13.93
CA ILE B 73 26.83 -6.12 -14.23
C ILE B 73 26.76 -5.14 -13.07
N LYS B 74 26.82 -5.64 -11.84
CA LYS B 74 26.72 -4.78 -10.66
C LYS B 74 27.93 -3.87 -10.52
N GLU B 75 29.14 -4.42 -10.69
CA GLU B 75 30.33 -3.58 -10.58
C GLU B 75 30.55 -2.72 -11.81
N ALA B 76 29.90 -3.03 -12.93
CA ALA B 76 29.86 -2.09 -14.03
C ALA B 76 28.69 -1.10 -13.88
N ALA B 77 27.70 -1.44 -13.05
CA ALA B 77 26.77 -0.43 -12.60
C ALA B 77 27.36 0.44 -11.51
N ASN B 78 28.46 0.00 -10.89
CA ASN B 78 29.11 0.76 -9.84
C ASN B 78 29.88 1.96 -10.38
N LYS B 79 30.16 2.01 -11.68
CA LYS B 79 30.94 3.11 -12.23
C LYS B 79 30.06 4.19 -12.84
N LEU B 80 28.75 3.96 -12.93
CA LEU B 80 27.82 4.97 -13.41
C LEU B 80 27.36 5.91 -12.31
N ILE B 81 27.37 5.44 -11.06
CA ILE B 81 26.83 6.15 -9.91
C ILE B 81 27.84 6.06 -8.77
N GLU B 82 27.80 7.01 -7.86
CA GLU B 82 28.51 6.83 -6.59
C GLU B 82 27.77 5.83 -5.73
N PRO B 83 28.43 4.80 -5.20
CA PRO B 83 27.93 4.07 -4.03
C PRO B 83 28.41 4.70 -2.73
N GLY B 84 28.33 6.02 -2.65
CA GLY B 84 29.00 6.73 -1.57
C GLY B 84 28.08 7.34 -0.54
N PHE B 85 28.52 8.44 0.06
CA PHE B 85 27.79 9.13 1.10
C PHE B 85 27.72 10.60 0.76
N LEU B 86 26.52 11.08 0.46
CA LEU B 86 26.33 12.51 0.20
C LEU B 86 26.25 13.26 1.52
N THR B 87 26.74 14.50 1.51
CA THR B 87 26.44 15.41 2.60
C THR B 87 24.97 15.80 2.51
N ALA B 88 24.35 16.05 3.68
CA ALA B 88 22.95 16.41 3.72
C ALA B 88 22.66 17.76 3.06
N PHE B 89 23.67 18.64 2.97
CA PHE B 89 23.51 19.86 2.20
C PHE B 89 23.40 19.57 0.71
N GLU B 90 24.11 18.55 0.23
CA GLU B 90 24.02 18.19 -1.19
C GLU B 90 22.73 17.43 -1.46
N TYR B 91 22.15 16.80 -0.44
CA TYR B 91 20.90 16.08 -0.63
C TYR B 91 19.72 17.01 -0.77
N SER B 92 19.77 18.19 -0.14
CA SER B 92 18.71 19.17 -0.32
C SER B 92 18.77 19.79 -1.71
N GLU B 93 19.95 19.83 -2.33
CA GLU B 93 20.03 20.24 -3.73
C GLU B 93 19.42 19.18 -4.64
N LYS B 94 19.50 17.91 -4.25
CA LYS B 94 18.96 16.80 -5.01
C LYS B 94 17.45 16.67 -4.87
N ARG B 95 16.89 17.14 -3.75
CA ARG B 95 15.46 17.01 -3.47
C ARG B 95 14.68 18.24 -3.91
N LYS B 96 15.12 18.88 -4.99
CA LYS B 96 14.34 19.93 -5.65
C LYS B 96 13.70 19.44 -6.93
N MET B 97 13.84 18.15 -7.23
CA MET B 97 13.06 17.54 -8.30
C MET B 97 11.74 16.98 -7.80
N VAL B 98 11.51 17.02 -6.50
CA VAL B 98 10.25 16.60 -5.92
C VAL B 98 9.21 17.69 -6.13
N PHE B 99 8.10 17.34 -6.78
CA PHE B 99 7.04 18.30 -7.02
C PHE B 99 5.91 18.11 -6.02
N HIS B 100 4.85 18.88 -6.20
CA HIS B 100 3.69 18.87 -5.32
C HIS B 100 2.45 19.11 -6.16
N ILE B 101 1.50 18.20 -6.09
CA ILE B 101 0.26 18.30 -6.85
C ILE B 101 -0.85 18.76 -5.93
N THR B 102 -1.55 19.82 -6.34
CA THR B 102 -2.64 20.38 -5.54
C THR B 102 -3.84 19.44 -5.54
N THR B 103 -4.76 19.68 -4.61
CA THR B 103 -5.94 18.85 -4.47
C THR B 103 -7.16 19.46 -5.13
N GLY B 104 -7.24 20.79 -5.17
CA GLY B 104 -8.38 21.46 -5.75
C GLY B 104 -8.93 22.51 -4.80
N SER B 105 -8.44 22.49 -3.57
CA SER B 105 -8.87 23.42 -2.53
C SER B 105 -7.68 23.84 -1.70
N GLN B 106 -7.57 25.15 -1.46
CA GLN B 106 -6.37 25.74 -0.89
C GLN B 106 -6.20 25.48 0.59
N GLU B 107 -7.29 25.33 1.34
CA GLU B 107 -7.21 24.98 2.76
C GLU B 107 -6.67 23.58 2.98
N PHE B 108 -6.94 22.67 2.04
CA PHE B 108 -6.49 21.29 2.13
C PHE B 108 -5.05 21.11 1.68
N ASP B 109 -4.61 21.87 0.68
CA ASP B 109 -3.20 21.91 0.30
C ASP B 109 -2.33 22.51 1.40
N LYS B 110 -2.87 23.47 2.13
CA LYS B 110 -2.21 24.03 3.30
C LYS B 110 -2.00 22.97 4.38
N LEU B 111 -2.91 22.02 4.48
CA LEU B 111 -2.81 20.96 5.48
C LEU B 111 -1.69 19.98 5.14
N LEU B 112 -1.59 19.62 3.86
CA LEU B 112 -0.58 18.66 3.44
C LEU B 112 0.77 19.31 3.20
N GLY B 113 0.84 20.64 3.21
CA GLY B 113 2.10 21.33 3.01
C GLY B 113 2.46 21.44 1.54
N GLY B 114 1.54 21.92 0.72
CA GLY B 114 1.75 22.09 -0.70
C GLY B 114 0.95 21.13 -1.56
N GLY B 115 0.52 20.01 -1.01
CA GLY B 115 -0.25 19.05 -1.78
C GLY B 115 0.23 17.64 -1.64
N ILE B 116 0.21 16.87 -2.73
CA ILE B 116 0.59 15.47 -2.72
C ILE B 116 2.06 15.34 -3.11
N GLU B 117 2.83 14.69 -2.26
CA GLU B 117 4.27 14.54 -2.42
C GLU B 117 4.60 13.66 -3.62
N SER B 118 5.84 13.74 -4.09
CA SER B 118 6.21 13.17 -5.37
C SER B 118 7.02 11.89 -5.31
N MET B 119 7.55 11.51 -4.16
CA MET B 119 8.31 10.26 -4.04
C MET B 119 7.87 9.50 -2.82
N ALA B 120 6.56 9.35 -2.66
CA ALA B 120 6.00 8.80 -1.44
C ALA B 120 4.67 8.12 -1.77
N ILE B 121 4.09 7.50 -0.75
CA ILE B 121 2.79 6.85 -0.84
C ILE B 121 1.84 7.56 0.10
N THR B 122 0.75 8.09 -0.44
CA THR B 122 -0.26 8.82 0.32
C THR B 122 -1.53 7.98 0.39
N GLU B 123 -2.07 7.84 1.60
CA GLU B 123 -3.25 7.03 1.84
C GLU B 123 -4.39 7.90 2.37
N ALA B 124 -5.61 7.57 1.96
CA ALA B 124 -6.81 8.25 2.47
C ALA B 124 -7.86 7.21 2.81
N PHE B 125 -8.42 7.27 4.01
CA PHE B 125 -9.45 6.32 4.41
C PHE B 125 -10.63 7.05 5.03
N GLY B 126 -11.82 6.47 4.87
CA GLY B 126 -13.04 7.09 5.33
C GLY B 126 -14.14 6.06 5.49
N GLU B 127 -15.33 6.52 5.86
CA GLU B 127 -16.35 5.58 6.32
C GLU B 127 -17.09 4.91 5.18
N PHE B 128 -17.99 5.63 4.48
CA PHE B 128 -18.41 5.17 3.17
C PHE B 128 -18.73 6.27 2.17
N ARG B 129 -19.09 7.47 2.62
CA ARG B 129 -19.44 8.53 1.68
C ARG B 129 -18.55 9.75 1.85
N THR B 130 -17.41 9.58 2.50
CA THR B 130 -16.52 10.68 2.88
C THR B 130 -15.77 11.31 1.71
N GLY B 131 -15.90 10.78 0.50
CA GLY B 131 -15.31 11.43 -0.66
C GLY B 131 -13.94 10.94 -1.03
N LYS B 132 -13.77 9.62 -1.16
CA LYS B 132 -12.47 9.08 -1.56
C LYS B 132 -12.37 8.95 -3.07
N THR B 133 -13.44 8.52 -3.73
CA THR B 133 -13.48 8.51 -5.18
C THR B 133 -13.60 9.92 -5.74
N GLN B 134 -14.24 10.84 -5.01
CA GLN B 134 -14.35 12.21 -5.47
C GLN B 134 -13.01 12.94 -5.43
N LEU B 135 -12.17 12.62 -4.44
CA LEU B 135 -10.83 13.18 -4.39
C LEU B 135 -9.96 12.64 -5.52
N SER B 136 -10.20 11.39 -5.93
CA SER B 136 -9.38 10.80 -6.98
C SER B 136 -9.83 11.29 -8.36
N HIS B 137 -11.07 11.75 -8.48
CA HIS B 137 -11.54 12.26 -9.76
C HIS B 137 -11.06 13.68 -10.02
N THR B 138 -10.77 14.45 -8.97
CA THR B 138 -10.23 15.79 -9.19
C THR B 138 -8.76 15.73 -9.58
N LEU B 139 -8.02 14.77 -9.04
CA LEU B 139 -6.61 14.64 -9.34
C LEU B 139 -6.35 14.20 -10.77
N CYS B 140 -7.34 13.59 -11.43
CA CYS B 140 -7.20 13.31 -12.85
C CYS B 140 -7.34 14.55 -13.72
N VAL B 141 -7.80 15.66 -13.15
CA VAL B 141 -7.91 16.92 -13.87
C VAL B 141 -6.88 17.92 -13.40
N THR B 142 -6.69 18.04 -12.09
CA THR B 142 -5.85 19.08 -11.53
C THR B 142 -4.36 18.79 -11.67
N ALA B 143 -3.97 17.58 -12.09
CA ALA B 143 -2.57 17.27 -12.30
C ALA B 143 -2.11 17.51 -13.73
N GLN B 144 -3.01 17.85 -14.64
CA GLN B 144 -2.65 18.26 -15.98
C GLN B 144 -2.53 19.77 -16.12
N LEU B 145 -2.54 20.49 -15.01
CA LEU B 145 -2.55 21.94 -15.03
C LEU B 145 -1.29 22.49 -14.37
N PRO B 146 -0.61 23.44 -15.02
CA PRO B 146 0.60 24.03 -14.43
C PRO B 146 0.32 24.86 -13.18
N GLY B 147 0.80 24.38 -12.04
CA GLY B 147 0.52 25.01 -10.76
C GLY B 147 1.74 25.63 -10.11
N ALA B 148 1.84 25.43 -8.80
CA ALA B 148 2.88 26.06 -8.00
C ALA B 148 4.16 25.23 -8.03
N GLY B 149 5.28 25.90 -7.73
CA GLY B 149 6.57 25.25 -7.73
C GLY B 149 7.13 24.91 -9.08
N GLY B 150 6.57 25.45 -10.16
CA GLY B 150 7.04 25.11 -11.48
C GLY B 150 6.62 23.74 -11.96
N TYR B 151 5.55 23.19 -11.41
CA TYR B 151 5.08 21.86 -11.79
C TYR B 151 4.43 21.93 -13.17
N PRO B 152 4.95 21.22 -14.18
CA PRO B 152 4.44 21.42 -15.54
C PRO B 152 3.14 20.70 -15.84
N GLY B 153 2.92 19.51 -15.30
CA GLY B 153 1.69 18.78 -15.55
C GLY B 153 1.80 17.73 -16.64
N GLY B 154 1.43 16.49 -16.34
CA GLY B 154 1.56 15.41 -17.29
C GLY B 154 0.39 14.45 -17.23
N LYS B 155 0.63 13.24 -17.72
CA LYS B 155 -0.43 12.25 -17.83
C LYS B 155 -0.55 11.42 -16.56
N ILE B 156 -1.59 10.57 -16.51
CA ILE B 156 -2.07 9.98 -15.27
C ILE B 156 -2.48 8.53 -15.54
N ILE B 157 -2.03 7.60 -14.69
CA ILE B 157 -2.46 6.21 -14.70
C ILE B 157 -3.51 6.01 -13.61
N PHE B 158 -4.60 5.33 -13.95
CA PHE B 158 -5.67 5.03 -13.00
C PHE B 158 -5.89 3.53 -13.00
N ILE B 159 -5.81 2.91 -11.81
CA ILE B 159 -6.14 1.51 -11.62
C ILE B 159 -7.35 1.47 -10.69
N ASP B 160 -8.47 0.98 -11.18
CA ASP B 160 -9.69 0.96 -10.39
C ASP B 160 -10.07 -0.46 -10.02
N THR B 161 -10.48 -0.65 -8.76
CA THR B 161 -10.82 -1.97 -8.27
C THR B 161 -12.28 -2.19 -7.92
N GLU B 162 -13.06 -1.16 -7.56
CA GLU B 162 -14.47 -1.48 -7.37
C GLU B 162 -15.27 -1.45 -8.66
N ASN B 163 -15.74 -0.27 -9.06
CA ASN B 163 -16.18 0.01 -10.42
C ASN B 163 -16.14 1.49 -10.76
N THR B 164 -15.72 2.35 -9.83
CA THR B 164 -16.16 3.74 -9.81
C THR B 164 -15.16 4.63 -10.54
N PHE B 165 -15.23 4.60 -11.87
CA PHE B 165 -14.48 5.49 -12.73
C PHE B 165 -15.42 6.05 -13.80
N ARG B 166 -16.49 6.71 -13.35
CA ARG B 166 -17.38 7.41 -14.27
C ARG B 166 -16.62 8.52 -14.99
N PRO B 167 -16.41 8.40 -16.31
CA PRO B 167 -15.64 9.44 -17.01
C PRO B 167 -16.42 10.70 -17.30
N ASP B 168 -17.75 10.68 -17.15
CA ASP B 168 -18.52 11.89 -17.29
C ASP B 168 -18.37 12.81 -16.08
N ARG B 169 -17.90 12.27 -14.96
CA ARG B 169 -17.62 13.11 -13.80
C ARG B 169 -16.42 14.02 -14.03
N LEU B 170 -15.52 13.63 -14.93
CA LEU B 170 -14.38 14.47 -15.26
C LEU B 170 -14.81 15.69 -16.07
N ARG B 171 -15.85 15.53 -16.89
CA ARG B 171 -16.35 16.64 -17.68
C ARG B 171 -17.17 17.63 -16.86
N ASP B 172 -17.43 17.34 -15.58
CA ASP B 172 -17.84 18.36 -14.62
C ASP B 172 -16.66 19.13 -14.05
N ILE B 173 -15.54 18.44 -13.83
CA ILE B 173 -14.39 19.08 -13.21
C ILE B 173 -13.51 19.76 -14.25
N ALA B 174 -13.64 19.37 -15.52
CA ALA B 174 -12.93 20.06 -16.59
C ALA B 174 -13.50 21.44 -16.86
N ASP B 175 -14.72 21.72 -16.40
CA ASP B 175 -15.35 23.00 -16.68
C ASP B 175 -14.95 24.10 -15.70
N ARG B 176 -14.74 23.76 -14.42
CA ARG B 176 -14.35 24.79 -13.46
C ARG B 176 -12.89 25.17 -13.57
N PHE B 177 -12.10 24.43 -14.34
CA PHE B 177 -10.73 24.80 -14.65
C PHE B 177 -10.58 25.32 -16.06
N ASN B 178 -11.65 25.27 -16.85
CA ASN B 178 -11.78 25.88 -18.18
C ASN B 178 -10.74 25.30 -19.15
N VAL B 179 -10.77 23.98 -19.26
CA VAL B 179 -9.99 23.25 -20.25
C VAL B 179 -10.98 22.45 -21.10
N ASP B 180 -10.55 22.10 -22.30
CA ASP B 180 -11.44 21.41 -23.21
C ASP B 180 -11.52 19.92 -22.84
N HIS B 181 -12.54 19.25 -23.37
CA HIS B 181 -12.85 17.91 -22.89
C HIS B 181 -12.06 16.84 -23.61
N ASP B 182 -11.45 17.16 -24.75
CA ASP B 182 -10.64 16.17 -25.42
C ASP B 182 -9.31 15.98 -24.72
N ALA B 183 -8.65 17.06 -24.31
CA ALA B 183 -7.32 17.01 -23.74
C ALA B 183 -7.33 16.56 -22.28
N VAL B 184 -8.50 16.50 -21.66
CA VAL B 184 -8.62 16.00 -20.30
C VAL B 184 -9.08 14.55 -20.24
N LEU B 185 -9.65 14.01 -21.31
CA LEU B 185 -10.01 12.60 -21.39
C LEU B 185 -8.99 11.77 -22.15
N ASP B 186 -7.88 12.38 -22.56
CA ASP B 186 -6.90 11.70 -23.41
C ASP B 186 -5.60 11.41 -22.67
N ASN B 187 -5.34 12.11 -21.58
CA ASN B 187 -4.14 11.92 -20.79
C ASN B 187 -4.38 11.04 -19.57
N VAL B 188 -5.49 10.32 -19.53
CA VAL B 188 -5.82 9.42 -18.44
C VAL B 188 -5.85 8.01 -19.03
N LEU B 189 -5.05 7.12 -18.48
CA LEU B 189 -5.09 5.72 -18.89
C LEU B 189 -5.76 4.89 -17.81
N TYR B 190 -6.55 3.91 -18.23
CA TYR B 190 -7.43 3.20 -17.33
C TYR B 190 -7.30 1.71 -17.53
N ALA B 191 -7.32 0.97 -16.42
CA ALA B 191 -7.34 -0.50 -16.46
C ALA B 191 -7.91 -0.98 -15.15
N ARG B 192 -8.89 -1.88 -15.21
CA ARG B 192 -9.50 -2.44 -14.01
C ARG B 192 -8.85 -3.76 -13.65
N ALA B 193 -8.27 -3.83 -12.47
CA ALA B 193 -7.84 -5.10 -11.92
C ALA B 193 -9.04 -5.88 -11.39
N TYR B 194 -9.15 -7.12 -11.82
CA TYR B 194 -10.24 -7.99 -11.40
C TYR B 194 -9.94 -8.78 -10.15
N THR B 195 -8.68 -9.06 -9.88
CA THR B 195 -8.26 -9.76 -8.68
C THR B 195 -6.88 -9.26 -8.27
N SER B 196 -6.42 -9.71 -7.11
CA SER B 196 -5.20 -9.18 -6.53
C SER B 196 -3.97 -9.68 -7.26
N GLU B 197 -4.06 -10.84 -7.93
CA GLU B 197 -2.97 -11.23 -8.81
C GLU B 197 -2.95 -10.38 -10.07
N HIS B 198 -4.12 -10.10 -10.63
CA HIS B 198 -4.22 -9.17 -11.75
C HIS B 198 -3.85 -7.76 -11.34
N GLN B 199 -4.00 -7.42 -10.06
CA GLN B 199 -3.45 -6.18 -9.53
C GLN B 199 -1.93 -6.22 -9.50
N MET B 200 -1.34 -7.39 -9.27
CA MET B 200 0.11 -7.55 -9.22
C MET B 200 0.74 -7.48 -10.60
N GLU B 201 0.20 -8.22 -11.57
CA GLU B 201 0.73 -8.24 -12.93
C GLU B 201 0.45 -6.96 -13.71
N LEU B 202 -0.37 -6.07 -13.18
CA LEU B 202 -0.67 -4.83 -13.89
C LEU B 202 0.41 -3.78 -13.68
N LEU B 203 1.30 -3.97 -12.71
CA LEU B 203 2.38 -3.03 -12.47
C LEU B 203 3.55 -3.22 -13.43
N ASP B 204 3.57 -4.31 -14.19
CA ASP B 204 4.56 -4.46 -15.25
C ASP B 204 4.30 -3.48 -16.38
N TYR B 205 3.03 -3.36 -16.78
CA TYR B 205 2.64 -2.40 -17.80
C TYR B 205 2.70 -0.97 -17.29
N VAL B 206 2.67 -0.77 -15.98
CA VAL B 206 2.87 0.57 -15.43
C VAL B 206 4.30 1.03 -15.66
N ALA B 207 5.26 0.14 -15.41
CA ALA B 207 6.66 0.49 -15.64
C ALA B 207 6.99 0.56 -17.13
N ALA B 208 6.38 -0.32 -17.94
CA ALA B 208 6.64 -0.30 -19.37
C ALA B 208 6.03 0.92 -20.04
N LYS B 209 4.99 1.50 -19.44
CA LYS B 209 4.44 2.75 -19.96
C LYS B 209 5.20 3.95 -19.42
N PHE B 210 5.75 3.85 -18.21
CA PHE B 210 6.49 4.96 -17.64
C PHE B 210 7.84 5.14 -18.33
N HIS B 211 8.41 4.05 -18.84
CA HIS B 211 9.77 4.07 -19.35
C HIS B 211 9.85 4.56 -20.79
N GLU B 212 8.93 4.15 -21.65
CA GLU B 212 9.00 4.56 -23.04
C GLU B 212 8.51 5.99 -23.24
N GLU B 213 7.83 6.57 -22.27
CA GLU B 213 7.43 7.98 -22.30
C GLU B 213 8.05 8.61 -21.06
N ALA B 214 9.28 9.07 -21.19
CA ALA B 214 10.08 9.48 -20.04
C ALA B 214 9.66 10.87 -19.58
N GLY B 215 9.14 10.96 -18.36
CA GLY B 215 8.90 12.24 -17.73
C GLY B 215 7.56 12.90 -18.02
N ILE B 216 6.67 12.24 -18.75
CA ILE B 216 5.38 12.84 -19.04
C ILE B 216 4.28 12.02 -18.38
N PHE B 217 4.62 11.35 -17.29
CA PHE B 217 3.65 10.75 -16.39
C PHE B 217 3.94 11.24 -14.99
N LYS B 218 2.88 11.63 -14.27
CA LYS B 218 3.07 12.35 -13.02
C LYS B 218 2.49 11.68 -11.79
N LEU B 219 1.44 10.87 -11.92
CA LEU B 219 0.95 10.16 -10.75
C LEU B 219 0.36 8.82 -11.16
N LEU B 220 -0.03 8.07 -10.14
CA LEU B 220 -0.58 6.73 -10.26
C LEU B 220 -1.61 6.56 -9.16
N ILE B 221 -2.84 6.23 -9.54
CA ILE B 221 -3.95 6.06 -8.59
C ILE B 221 -4.37 4.60 -8.59
N ILE B 222 -4.32 3.98 -7.42
CA ILE B 222 -5.05 2.74 -7.15
C ILE B 222 -6.28 3.13 -6.36
N ASP B 223 -7.47 2.79 -6.88
CA ASP B 223 -8.71 3.31 -6.32
C ASP B 223 -8.98 2.69 -4.96
N SER B 224 -8.64 1.42 -4.78
CA SER B 224 -8.54 0.83 -3.45
C SER B 224 -7.57 -0.34 -3.53
N ILE B 225 -6.65 -0.40 -2.57
CA ILE B 225 -5.64 -1.44 -2.58
C ILE B 225 -6.19 -2.75 -2.03
N MET B 226 -7.23 -2.67 -1.20
CA MET B 226 -7.71 -3.84 -0.49
C MET B 226 -9.20 -4.10 -0.67
N ALA B 227 -9.80 -3.63 -1.75
CA ALA B 227 -11.09 -4.16 -2.11
C ALA B 227 -10.97 -5.58 -2.64
N LEU B 228 -9.82 -5.95 -3.20
CA LEU B 228 -9.58 -7.27 -3.75
C LEU B 228 -8.72 -8.17 -2.85
N PHE B 229 -7.90 -7.58 -2.00
CA PHE B 229 -7.05 -8.41 -1.13
C PHE B 229 -7.85 -9.13 -0.06
N ARG B 230 -8.72 -8.41 0.63
CA ARG B 230 -9.54 -8.96 1.70
C ARG B 230 -10.54 -10.04 1.27
N VAL B 231 -11.18 -9.87 0.11
CA VAL B 231 -12.19 -10.81 -0.35
C VAL B 231 -11.76 -12.25 -0.66
N ASP B 232 -10.61 -12.43 -1.29
CA ASP B 232 -10.17 -13.78 -1.64
C ASP B 232 -9.94 -14.64 -0.40
N PHE B 233 -9.28 -14.07 0.60
CA PHE B 233 -8.98 -14.76 1.84
C PHE B 233 -10.14 -14.74 2.84
N SER B 234 -10.09 -15.62 3.83
CA SER B 234 -11.08 -15.66 4.91
C SER B 234 -10.40 -15.00 6.11
N GLY B 235 -10.75 -15.40 7.34
CA GLY B 235 -10.03 -14.80 8.44
C GLY B 235 -8.71 -15.48 8.80
N ARG B 236 -8.49 -15.63 10.10
CA ARG B 236 -7.25 -16.21 10.60
C ARG B 236 -6.90 -17.59 10.04
N GLY B 237 -7.68 -18.09 9.10
CA GLY B 237 -7.39 -19.39 8.53
C GLY B 237 -6.03 -19.36 7.83
N GLU B 238 -5.79 -18.31 7.06
CA GLU B 238 -4.52 -18.14 6.36
C GLU B 238 -4.10 -16.68 6.31
N LEU B 239 -3.86 -16.10 7.49
CA LEU B 239 -3.47 -14.71 7.62
C LEU B 239 -2.11 -14.35 7.01
N ALA B 240 -1.15 -15.25 7.14
CA ALA B 240 0.21 -15.01 6.66
C ALA B 240 0.39 -14.77 5.17
N GLU B 241 -0.32 -15.53 4.33
CA GLU B 241 -0.14 -15.37 2.89
C GLU B 241 -0.39 -13.97 2.30
N ARG B 242 -1.10 -13.14 3.06
CA ARG B 242 -1.47 -11.79 2.64
C ARG B 242 -0.50 -10.70 3.09
N GLN B 243 0.22 -10.93 4.18
CA GLN B 243 1.15 -9.96 4.69
C GLN B 243 2.53 -10.10 4.07
N MET B 244 2.80 -11.22 3.41
CA MET B 244 3.94 -11.28 2.52
C MET B 244 3.56 -11.06 1.07
N LYS B 245 2.26 -10.86 0.77
CA LYS B 245 1.85 -10.51 -0.58
C LYS B 245 1.42 -9.05 -0.70
N LEU B 246 1.00 -8.43 0.40
CA LEU B 246 0.94 -6.98 0.42
C LEU B 246 2.33 -6.38 0.42
N ALA B 247 3.24 -7.01 1.16
CA ALA B 247 4.61 -6.53 1.26
C ALA B 247 5.34 -6.66 -0.06
N GLN B 248 4.87 -7.49 -0.99
CA GLN B 248 5.39 -7.42 -2.34
C GLN B 248 5.02 -6.11 -3.02
N MET B 249 3.74 -5.74 -3.04
CA MET B 249 3.35 -4.61 -3.87
C MET B 249 3.37 -3.29 -3.11
N LEU B 250 3.71 -3.30 -1.83
CA LEU B 250 3.91 -2.04 -1.15
C LEU B 250 5.34 -1.54 -1.34
N SER B 251 6.28 -2.43 -1.65
CA SER B 251 7.65 -2.02 -1.95
C SER B 251 7.91 -2.00 -3.45
N ARG B 252 7.18 -2.83 -4.21
CA ARG B 252 7.08 -2.66 -5.67
C ARG B 252 6.61 -1.25 -6.01
N LEU B 253 5.64 -0.74 -5.26
CA LEU B 253 5.09 0.58 -5.53
C LEU B 253 6.01 1.70 -5.10
N GLN B 254 6.76 1.49 -4.01
CA GLN B 254 7.72 2.49 -3.57
C GLN B 254 8.91 2.56 -4.50
N LYS B 255 9.27 1.44 -5.11
CA LYS B 255 10.42 1.43 -6.01
C LYS B 255 10.07 2.07 -7.35
N ILE B 256 8.81 1.93 -7.79
CA ILE B 256 8.38 2.55 -9.04
C ILE B 256 8.38 4.07 -8.90
N SER B 257 7.96 4.57 -7.74
CA SER B 257 7.89 5.99 -7.50
C SER B 257 9.25 6.66 -7.41
N GLU B 258 10.33 5.91 -7.19
CA GLU B 258 11.66 6.49 -7.11
C GLU B 258 12.48 6.40 -8.38
N GLU B 259 12.28 5.36 -9.20
CA GLU B 259 12.95 5.32 -10.50
C GLU B 259 12.42 6.39 -11.42
N TYR B 260 11.11 6.59 -11.44
CA TYR B 260 10.47 7.42 -12.44
C TYR B 260 9.92 8.73 -11.90
N ASN B 261 10.02 8.96 -10.58
CA ASN B 261 9.62 10.21 -9.91
C ASN B 261 8.15 10.56 -10.16
N VAL B 262 7.28 9.68 -9.66
CA VAL B 262 5.84 9.86 -9.78
C VAL B 262 5.22 9.77 -8.39
N ALA B 263 4.11 10.46 -8.22
CA ALA B 263 3.34 10.38 -7.00
C ALA B 263 2.50 9.11 -6.99
N VAL B 264 2.19 8.63 -5.79
CA VAL B 264 1.36 7.44 -5.61
C VAL B 264 0.27 7.78 -4.61
N PHE B 265 -0.98 7.66 -5.03
CA PHE B 265 -2.14 7.94 -4.20
C PHE B 265 -3.01 6.69 -4.15
N VAL B 266 -3.17 6.11 -2.96
CA VAL B 266 -4.05 4.97 -2.76
C VAL B 266 -5.12 5.37 -1.75
N THR B 267 -6.27 4.71 -1.85
CA THR B 267 -7.35 4.93 -0.90
C THR B 267 -7.65 3.63 -0.20
N ASN B 268 -8.23 3.73 0.99
CA ASN B 268 -8.44 2.56 1.83
C ASN B 268 -9.85 2.59 2.40
N GLN B 269 -10.35 1.42 2.72
CA GLN B 269 -11.66 1.26 3.34
C GLN B 269 -11.48 1.05 4.85
N MET B 270 -12.58 0.93 5.58
CA MET B 270 -12.52 0.80 7.03
C MET B 270 -13.34 -0.39 7.49
N THR B 271 -13.19 -0.71 8.76
CA THR B 271 -13.92 -1.80 9.39
C THR B 271 -14.24 -1.40 10.82
N ALA B 272 -15.09 -2.20 11.48
CA ALA B 272 -15.61 -1.86 12.78
C ALA B 272 -14.75 -2.48 13.89
N PRO B 284 -13.91 3.34 17.19
CA PRO B 284 -14.57 2.07 16.93
C PRO B 284 -14.28 1.62 15.51
N LYS B 285 -13.43 2.39 14.84
CA LYS B 285 -13.04 2.13 13.47
C LYS B 285 -11.53 2.28 13.35
N LYS B 286 -10.98 1.54 12.38
CA LYS B 286 -9.59 1.67 11.99
C LYS B 286 -9.46 1.00 10.63
N PRO B 287 -8.54 1.42 9.77
CA PRO B 287 -8.51 0.88 8.40
C PRO B 287 -8.07 -0.57 8.35
N ILE B 288 -8.21 -1.15 7.16
CA ILE B 288 -7.85 -2.55 6.98
C ILE B 288 -6.43 -2.65 6.43
N GLY B 289 -5.71 -3.69 6.85
CA GLY B 289 -4.33 -3.92 6.47
C GLY B 289 -3.36 -3.88 7.63
N GLY B 290 -3.70 -3.13 8.68
CA GLY B 290 -2.93 -3.16 9.90
C GLY B 290 -1.61 -2.43 9.81
N HIS B 291 -0.59 -3.06 10.40
CA HIS B 291 0.66 -2.37 10.63
C HIS B 291 1.56 -2.33 9.40
N ILE B 292 1.38 -3.25 8.45
CA ILE B 292 2.24 -3.23 7.27
C ILE B 292 1.87 -2.07 6.36
N LEU B 293 0.59 -1.85 6.14
CA LEU B 293 0.15 -0.67 5.39
C LEU B 293 0.41 0.61 6.16
N ALA B 294 0.25 0.59 7.48
CA ALA B 294 0.47 1.81 8.27
C ALA B 294 1.95 2.18 8.32
N HIS B 295 2.84 1.21 8.22
CA HIS B 295 4.26 1.51 8.19
C HIS B 295 4.70 1.98 6.81
N ALA B 296 4.25 1.30 5.76
CA ALA B 296 4.69 1.59 4.40
C ALA B 296 4.08 2.85 3.83
N SER B 297 3.08 3.44 4.47
CA SER B 297 2.47 4.67 4.02
C SER B 297 3.21 5.86 4.61
N THR B 298 3.59 6.80 3.75
CA THR B 298 4.28 7.99 4.18
C THR B 298 3.34 9.02 4.80
N THR B 299 2.12 9.14 4.27
CA THR B 299 1.16 10.10 4.77
C THR B 299 -0.24 9.49 4.71
N ARG B 300 -0.96 9.56 5.82
CA ARG B 300 -2.35 9.09 5.87
C ARG B 300 -3.26 10.25 6.20
N ILE B 301 -4.37 10.35 5.48
CA ILE B 301 -5.37 11.38 5.70
C ILE B 301 -6.67 10.68 6.07
N SER B 302 -7.17 10.95 7.27
CA SER B 302 -8.49 10.45 7.64
C SER B 302 -9.57 11.39 7.13
N LEU B 303 -10.71 10.83 6.75
CA LEU B 303 -11.82 11.61 6.22
C LEU B 303 -13.09 11.24 6.97
N ARG B 304 -13.80 12.24 7.47
CA ARG B 304 -15.08 12.03 8.13
C ARG B 304 -16.04 13.13 7.69
N LYS B 305 -17.32 12.93 8.00
CA LYS B 305 -18.39 13.74 7.44
C LYS B 305 -18.83 14.84 8.40
N GLY B 306 -19.11 16.03 7.85
CA GLY B 306 -19.71 17.11 8.59
C GLY B 306 -21.16 17.30 8.16
N ARG B 307 -21.71 18.52 8.28
CA ARG B 307 -23.10 18.73 7.88
C ARG B 307 -23.15 18.80 6.36
N GLY B 308 -24.06 18.04 5.76
CA GLY B 308 -24.35 18.21 4.34
C GLY B 308 -23.24 17.79 3.40
N GLU B 309 -22.57 18.76 2.77
CA GLU B 309 -21.49 18.48 1.85
C GLU B 309 -20.13 18.89 2.39
N LEU B 310 -20.03 19.18 3.69
CA LEU B 310 -18.75 19.49 4.31
C LEU B 310 -18.15 18.21 4.87
N ARG B 311 -16.84 18.05 4.69
CA ARG B 311 -16.10 16.95 5.26
C ARG B 311 -14.90 17.49 6.02
N ILE B 312 -14.36 16.65 6.91
CA ILE B 312 -13.22 17.01 7.75
C ILE B 312 -12.06 16.09 7.38
N ALA B 313 -10.84 16.63 7.42
CA ALA B 313 -9.65 15.89 7.03
C ALA B 313 -8.57 16.06 8.09
N LYS B 314 -8.24 14.98 8.78
CA LYS B 314 -7.18 14.98 9.78
C LYS B 314 -5.95 14.28 9.24
N ILE B 315 -4.79 14.57 9.83
CA ILE B 315 -3.51 14.02 9.41
C ILE B 315 -3.11 12.93 10.38
N TYR B 316 -2.87 11.72 9.86
CA TYR B 316 -2.26 10.63 10.59
C TYR B 316 -0.92 10.32 9.94
N ASP B 317 0.14 10.24 10.74
CA ASP B 317 1.44 9.69 10.34
C ASP B 317 2.05 10.46 9.15
N SER B 318 2.42 11.70 9.42
CA SER B 318 3.19 12.42 8.42
C SER B 318 4.60 12.71 8.93
N PRO B 319 5.62 12.73 8.07
CA PRO B 319 6.98 13.01 8.56
C PRO B 319 7.26 14.48 8.83
N GLU B 320 6.49 15.40 8.26
CA GLU B 320 6.74 16.83 8.42
C GLU B 320 5.59 17.57 9.10
N MET B 321 4.38 17.28 8.72
CA MET B 321 3.22 18.08 9.10
C MET B 321 2.65 17.63 10.44
N PRO B 322 2.10 18.54 11.22
CA PRO B 322 1.46 18.17 12.48
C PRO B 322 0.00 17.77 12.27
N GLU B 323 -0.62 17.33 13.35
CA GLU B 323 -2.00 16.84 13.31
C GLU B 323 -2.95 18.04 13.34
N ASN B 324 -3.48 18.41 12.18
CA ASN B 324 -4.44 19.50 12.10
C ASN B 324 -5.65 19.05 11.30
N GLU B 325 -6.60 19.97 11.11
CA GLU B 325 -7.85 19.67 10.44
C GLU B 325 -8.16 20.76 9.43
N ALA B 326 -9.01 20.41 8.47
CA ALA B 326 -9.42 21.33 7.42
C ALA B 326 -10.76 20.86 6.86
N THR B 327 -11.52 21.79 6.29
CA THR B 327 -12.82 21.46 5.74
C THR B 327 -12.87 21.70 4.24
N PHE B 328 -13.37 20.71 3.50
CA PHE B 328 -13.49 20.81 2.06
C PHE B 328 -14.90 20.41 1.66
N ALA B 329 -15.40 20.98 0.56
CA ALA B 329 -16.75 20.66 0.11
C ALA B 329 -16.77 19.85 -1.17
N ILE B 330 -17.72 18.91 -1.25
CA ILE B 330 -17.90 18.05 -2.42
C ILE B 330 -19.00 18.70 -3.25
N THR B 331 -18.57 19.52 -4.21
CA THR B 331 -19.48 20.27 -5.06
C THR B 331 -19.47 19.67 -6.46
N ALA B 332 -20.25 20.27 -7.35
CA ALA B 332 -20.19 19.93 -8.77
C ALA B 332 -18.90 20.50 -9.32
N GLY B 333 -17.87 19.66 -9.38
CA GLY B 333 -16.53 20.13 -9.65
C GLY B 333 -15.57 19.54 -8.64
N GLY B 334 -16.06 18.61 -7.84
CA GLY B 334 -15.24 17.88 -6.91
C GLY B 334 -14.93 18.62 -5.63
N ILE B 335 -13.66 18.72 -5.28
CA ILE B 335 -13.26 19.28 -4.00
C ILE B 335 -13.20 20.79 -4.10
N GLY B 336 -13.78 21.47 -3.12
CA GLY B 336 -13.80 22.92 -3.08
C GLY B 336 -13.71 23.44 -1.67
N ASP B 337 -14.28 24.62 -1.41
CA ASP B 337 -14.13 25.25 -0.10
C ASP B 337 -15.46 25.51 0.61
N GLN C 22 -16.31 -15.42 -26.42
CA GLN C 22 -16.84 -15.17 -25.08
C GLN C 22 -16.87 -16.45 -24.26
N ASP C 23 -17.66 -17.43 -24.71
CA ASP C 23 -17.73 -18.71 -24.01
C ASP C 23 -16.54 -19.60 -24.38
N ILE C 24 -16.42 -20.71 -23.67
CA ILE C 24 -15.19 -21.52 -23.72
C ILE C 24 -15.40 -22.54 -24.84
N ASP C 25 -15.14 -22.09 -26.06
CA ASP C 25 -14.66 -22.97 -27.11
C ASP C 25 -13.47 -22.34 -27.81
N LEU C 26 -13.25 -21.04 -27.62
CA LEU C 26 -12.19 -20.31 -28.30
C LEU C 26 -10.83 -20.55 -27.65
N LEU C 27 -10.77 -21.21 -26.51
CA LEU C 27 -9.49 -21.66 -25.97
C LEU C 27 -8.97 -22.90 -26.67
N GLN C 28 -9.86 -23.64 -27.36
CA GLN C 28 -9.47 -24.90 -27.97
C GLN C 28 -8.52 -24.70 -29.15
N LYS C 29 -8.68 -23.59 -29.88
CA LYS C 29 -7.82 -23.27 -31.01
C LYS C 29 -6.50 -22.63 -30.59
N HIS C 30 -6.25 -22.50 -29.29
CA HIS C 30 -5.04 -21.84 -28.80
C HIS C 30 -4.25 -22.75 -27.87
N GLY C 31 -4.26 -24.06 -28.12
CA GLY C 31 -3.36 -24.97 -27.46
C GLY C 31 -3.93 -25.82 -26.35
N ILE C 32 -5.21 -25.67 -26.01
CA ILE C 32 -5.84 -26.44 -24.95
C ILE C 32 -6.70 -27.51 -25.60
N ASN C 33 -6.50 -28.76 -25.18
CA ASN C 33 -7.27 -29.89 -25.65
C ASN C 33 -8.70 -29.86 -25.09
N VAL C 34 -9.53 -30.78 -25.58
CA VAL C 34 -10.90 -30.89 -25.08
C VAL C 34 -10.95 -31.49 -23.68
N ALA C 35 -9.89 -32.17 -23.24
CA ALA C 35 -9.84 -32.92 -22.00
C ALA C 35 -9.97 -32.05 -20.74
N ASP C 36 -9.62 -30.77 -20.81
CA ASP C 36 -9.66 -29.90 -19.64
C ASP C 36 -10.69 -28.79 -19.73
N ILE C 37 -11.42 -28.67 -20.84
CA ILE C 37 -12.46 -27.66 -20.95
C ILE C 37 -13.66 -28.03 -20.10
N LYS C 38 -14.09 -29.28 -20.20
CA LYS C 38 -15.30 -29.80 -19.55
C LYS C 38 -15.19 -29.85 -18.03
N LYS C 39 -13.99 -29.77 -17.45
CA LYS C 39 -13.84 -29.61 -16.02
C LYS C 39 -13.82 -28.14 -15.60
N LEU C 40 -13.45 -27.22 -16.50
CA LEU C 40 -13.64 -25.81 -16.20
C LEU C 40 -15.11 -25.42 -16.23
N LYS C 41 -15.91 -26.08 -17.07
CA LYS C 41 -17.35 -25.90 -17.06
C LYS C 41 -18.01 -26.61 -15.89
N SER C 42 -17.26 -27.42 -15.14
CA SER C 42 -17.80 -28.14 -14.01
C SER C 42 -17.76 -27.34 -12.72
N VAL C 43 -16.83 -26.41 -12.55
CA VAL C 43 -16.84 -25.62 -11.33
C VAL C 43 -17.81 -24.44 -11.46
N GLY C 44 -18.08 -23.97 -12.67
CA GLY C 44 -18.89 -22.79 -12.84
C GLY C 44 -18.37 -21.80 -13.87
N ILE C 45 -17.14 -21.97 -14.34
CA ILE C 45 -16.56 -21.04 -15.31
C ILE C 45 -17.03 -21.39 -16.71
N CYS C 46 -17.71 -20.45 -17.36
CA CYS C 46 -18.23 -20.65 -18.70
C CYS C 46 -17.90 -19.51 -19.66
N THR C 47 -17.03 -18.59 -19.27
CA THR C 47 -16.77 -17.37 -20.03
C THR C 47 -15.27 -17.11 -20.01
N ILE C 48 -14.75 -16.53 -21.11
CA ILE C 48 -13.36 -16.11 -21.18
C ILE C 48 -13.04 -15.11 -20.07
N LYS C 49 -13.98 -14.21 -19.78
CA LYS C 49 -13.81 -13.30 -18.65
C LYS C 49 -13.90 -14.01 -17.31
N GLY C 50 -14.60 -15.15 -17.26
CA GLY C 50 -14.68 -15.90 -16.02
C GLY C 50 -13.36 -16.49 -15.58
N ILE C 51 -12.44 -16.72 -16.52
CA ILE C 51 -11.09 -17.10 -16.13
C ILE C 51 -10.30 -15.88 -15.68
N GLN C 52 -10.59 -14.72 -16.25
CA GLN C 52 -9.96 -13.49 -15.77
C GLN C 52 -10.51 -13.05 -14.41
N MET C 53 -11.72 -13.46 -14.05
CA MET C 53 -12.28 -13.19 -12.73
C MET C 53 -11.76 -14.16 -11.69
N THR C 54 -11.23 -15.31 -12.12
CA THR C 54 -10.83 -16.39 -11.23
C THR C 54 -9.32 -16.40 -11.10
N THR C 55 -8.87 -16.61 -9.88
CA THR C 55 -7.46 -16.57 -9.53
C THR C 55 -6.76 -17.86 -9.97
N ARG C 56 -5.44 -17.87 -9.83
CA ARG C 56 -4.75 -19.14 -9.94
C ARG C 56 -4.88 -19.97 -8.66
N ARG C 57 -5.49 -19.41 -7.63
CA ARG C 57 -5.69 -20.13 -6.37
C ARG C 57 -6.96 -20.98 -6.42
N ALA C 58 -8.03 -20.44 -7.00
CA ALA C 58 -9.29 -21.14 -7.11
C ALA C 58 -9.28 -22.18 -8.23
N LEU C 59 -8.23 -22.16 -9.06
CA LEU C 59 -8.09 -23.07 -10.17
C LEU C 59 -7.28 -24.32 -9.80
N CYS C 60 -6.64 -24.35 -8.62
CA CYS C 60 -5.86 -25.50 -8.20
C CYS C 60 -6.68 -26.50 -7.37
N ASN C 61 -7.71 -26.04 -6.66
CA ASN C 61 -8.46 -26.99 -5.85
C ASN C 61 -9.48 -27.80 -6.63
N VAL C 62 -9.57 -27.66 -7.95
CA VAL C 62 -10.26 -28.69 -8.71
C VAL C 62 -9.27 -29.83 -8.90
N LYS C 63 -9.69 -31.06 -8.58
CA LYS C 63 -8.80 -32.22 -8.67
C LYS C 63 -8.64 -32.62 -10.11
N GLY C 64 -7.39 -32.57 -10.56
CA GLY C 64 -7.06 -33.01 -11.90
C GLY C 64 -6.34 -31.95 -12.70
N LEU C 65 -5.99 -30.83 -12.06
CA LEU C 65 -5.27 -29.78 -12.74
C LEU C 65 -4.15 -29.28 -11.84
N SER C 66 -2.91 -29.45 -12.32
CA SER C 66 -1.73 -29.16 -11.53
C SER C 66 -0.91 -28.04 -12.16
N GLU C 67 0.25 -27.77 -11.58
CA GLU C 67 0.82 -26.42 -11.57
C GLU C 67 1.37 -25.99 -12.92
N ALA C 68 2.03 -26.90 -13.65
CA ALA C 68 2.62 -26.56 -14.93
C ALA C 68 1.58 -26.56 -16.05
N LYS C 69 0.39 -27.06 -15.77
CA LYS C 69 -0.70 -27.05 -16.73
C LYS C 69 -1.83 -26.11 -16.33
N VAL C 70 -1.89 -25.69 -15.06
CA VAL C 70 -2.85 -24.67 -14.65
C VAL C 70 -2.51 -23.30 -15.22
N ASP C 71 -1.24 -23.07 -15.58
CA ASP C 71 -0.83 -21.73 -16.00
C ASP C 71 -1.20 -21.46 -17.46
N LYS C 72 -1.12 -22.46 -18.31
CA LYS C 72 -1.22 -22.25 -19.76
C LYS C 72 -2.61 -21.88 -20.22
N ILE C 73 -3.63 -22.03 -19.38
CA ILE C 73 -4.95 -21.49 -19.70
C ILE C 73 -4.97 -19.98 -19.59
N LYS C 74 -4.24 -19.44 -18.60
CA LYS C 74 -4.23 -18.00 -18.38
C LYS C 74 -3.49 -17.27 -19.50
N GLU C 75 -2.33 -17.77 -19.91
CA GLU C 75 -1.60 -17.13 -20.99
C GLU C 75 -2.21 -17.42 -22.36
N ALA C 76 -3.06 -18.43 -22.46
CA ALA C 76 -3.87 -18.57 -23.67
C ALA C 76 -5.17 -17.78 -23.56
N ALA C 77 -5.57 -17.41 -22.35
CA ALA C 77 -6.58 -16.37 -22.19
C ALA C 77 -6.00 -14.98 -22.40
N ASN C 78 -4.68 -14.86 -22.37
CA ASN C 78 -4.02 -13.57 -22.56
C ASN C 78 -4.02 -13.13 -24.02
N LYS C 79 -4.29 -14.03 -24.96
CA LYS C 79 -4.27 -13.67 -26.37
C LYS C 79 -5.65 -13.37 -26.92
N LEU C 80 -6.70 -13.58 -26.14
CA LEU C 80 -8.06 -13.22 -26.54
C LEU C 80 -8.39 -11.78 -26.22
N ILE C 81 -7.75 -11.20 -25.20
CA ILE C 81 -8.04 -9.88 -24.68
C ILE C 81 -6.72 -9.13 -24.50
N GLU C 82 -6.79 -7.80 -24.53
CA GLU C 82 -5.64 -7.03 -24.05
C GLU C 82 -5.56 -7.09 -22.53
N PRO C 83 -4.41 -7.43 -21.96
CA PRO C 83 -4.12 -7.09 -20.57
C PRO C 83 -3.47 -5.72 -20.44
N GLY C 84 -4.01 -4.73 -21.16
CA GLY C 84 -3.31 -3.48 -21.31
C GLY C 84 -3.95 -2.31 -20.60
N PHE C 85 -3.77 -1.12 -21.16
CA PHE C 85 -4.27 0.12 -20.57
C PHE C 85 -5.01 0.90 -21.64
N LEU C 86 -6.32 1.01 -21.47
CA LEU C 86 -7.12 1.82 -22.38
C LEU C 86 -7.00 3.29 -22.04
N THR C 87 -7.05 4.14 -23.05
CA THR C 87 -7.24 5.56 -22.82
C THR C 87 -8.67 5.77 -22.33
N ALA C 88 -8.85 6.78 -21.47
CA ALA C 88 -10.17 7.07 -20.91
C ALA C 88 -11.16 7.54 -21.97
N PHE C 89 -10.69 8.07 -23.09
CA PHE C 89 -11.58 8.37 -24.21
C PHE C 89 -12.11 7.09 -24.84
N GLU C 90 -11.30 6.03 -24.88
CA GLU C 90 -11.77 4.76 -25.43
C GLU C 90 -12.68 4.04 -24.45
N TYR C 91 -12.54 4.34 -23.16
CA TYR C 91 -13.38 3.71 -22.15
C TYR C 91 -14.80 4.27 -22.18
N SER C 92 -14.96 5.54 -22.54
CA SER C 92 -16.31 6.09 -22.70
C SER C 92 -17.01 5.51 -23.92
N GLU C 93 -16.25 5.08 -24.93
CA GLU C 93 -16.87 4.36 -26.04
C GLU C 93 -17.32 2.98 -25.61
N LYS C 94 -16.62 2.39 -24.64
CA LYS C 94 -16.95 1.07 -24.12
C LYS C 94 -18.11 1.09 -23.15
N ARG C 95 -18.36 2.22 -22.48
CA ARG C 95 -19.41 2.33 -21.48
C ARG C 95 -20.69 2.88 -22.07
N LYS C 96 -20.97 2.54 -23.32
CA LYS C 96 -22.27 2.80 -23.93
C LYS C 96 -23.11 1.53 -24.04
N MET C 97 -22.61 0.42 -23.50
CA MET C 97 -23.44 -0.76 -23.35
C MET C 97 -24.15 -0.78 -22.00
N VAL C 98 -23.88 0.19 -21.14
CA VAL C 98 -24.57 0.31 -19.86
C VAL C 98 -25.93 0.92 -20.11
N PHE C 99 -26.98 0.21 -19.68
CA PHE C 99 -28.34 0.71 -19.84
C PHE C 99 -28.85 1.30 -18.53
N HIS C 100 -30.11 1.72 -18.54
CA HIS C 100 -30.75 2.34 -17.40
C HIS C 100 -32.20 1.90 -17.38
N ILE C 101 -32.64 1.34 -16.26
CA ILE C 101 -34.00 0.85 -16.11
C ILE C 101 -34.78 1.86 -15.26
N THR C 102 -35.93 2.29 -15.78
CA THR C 102 -36.75 3.25 -15.07
C THR C 102 -37.42 2.61 -13.86
N THR C 103 -37.94 3.46 -12.97
CA THR C 103 -38.57 2.99 -11.74
C THR C 103 -40.08 2.94 -11.86
N GLY C 104 -40.68 3.83 -12.64
CA GLY C 104 -42.11 3.89 -12.79
C GLY C 104 -42.61 5.30 -12.58
N SER C 105 -41.73 6.17 -12.11
CA SER C 105 -42.07 7.55 -11.84
C SER C 105 -40.91 8.45 -12.25
N GLN C 106 -41.23 9.53 -12.96
CA GLN C 106 -40.23 10.34 -13.64
C GLN C 106 -39.44 11.23 -12.70
N GLU C 107 -40.02 11.66 -11.58
CA GLU C 107 -39.29 12.45 -10.59
C GLU C 107 -38.22 11.63 -9.90
N PHE C 108 -38.44 10.32 -9.74
CA PHE C 108 -37.50 9.43 -9.09
C PHE C 108 -36.39 8.97 -10.02
N ASP C 109 -36.68 8.78 -11.30
CA ASP C 109 -35.64 8.54 -12.30
C ASP C 109 -34.73 9.73 -12.49
N LYS C 110 -35.29 10.94 -12.36
CA LYS C 110 -34.50 12.16 -12.37
C LYS C 110 -33.52 12.21 -11.20
N LEU C 111 -33.88 11.62 -10.07
CA LEU C 111 -33.02 11.61 -8.90
C LEU C 111 -31.84 10.67 -9.11
N LEU C 112 -32.08 9.50 -9.68
CA LEU C 112 -31.02 8.53 -9.88
C LEU C 112 -30.21 8.80 -11.13
N GLY C 113 -30.66 9.73 -11.97
CA GLY C 113 -29.94 10.06 -13.18
C GLY C 113 -30.22 9.08 -14.31
N GLY C 114 -31.48 8.83 -14.58
CA GLY C 114 -31.90 7.92 -15.63
C GLY C 114 -32.53 6.64 -15.12
N GLY C 115 -32.26 6.25 -13.89
CA GLY C 115 -32.84 5.05 -13.34
C GLY C 115 -31.83 4.15 -12.65
N ILE C 116 -31.97 2.85 -12.80
CA ILE C 116 -31.10 1.87 -12.15
C ILE C 116 -29.96 1.50 -13.09
N GLU C 117 -28.73 1.66 -12.60
CA GLU C 117 -27.52 1.43 -13.38
C GLU C 117 -27.36 -0.04 -13.71
N SER C 118 -26.52 -0.33 -14.70
CA SER C 118 -26.46 -1.65 -15.30
C SER C 118 -25.26 -2.50 -14.91
N MET C 119 -24.24 -1.94 -14.28
CA MET C 119 -23.07 -2.72 -13.87
C MET C 119 -22.70 -2.37 -12.45
N ALA C 120 -23.69 -2.35 -11.57
CA ALA C 120 -23.50 -1.85 -10.21
C ALA C 120 -24.49 -2.54 -9.29
N ILE C 121 -24.36 -2.23 -8.00
CA ILE C 121 -25.25 -2.76 -6.96
C ILE C 121 -25.97 -1.58 -6.33
N THR C 122 -27.30 -1.60 -6.40
CA THR C 122 -28.15 -0.54 -5.87
C THR C 122 -28.86 -1.05 -4.63
N GLU C 123 -28.83 -0.28 -3.55
CA GLU C 123 -29.42 -0.66 -2.27
C GLU C 123 -30.52 0.32 -1.89
N ALA C 124 -31.57 -0.19 -1.27
CA ALA C 124 -32.66 0.65 -0.75
C ALA C 124 -33.02 0.17 0.64
N PHE C 125 -33.06 1.08 1.61
CA PHE C 125 -33.42 0.72 2.97
C PHE C 125 -34.48 1.68 3.51
N GLY C 126 -35.32 1.17 4.41
CA GLY C 126 -36.41 1.93 4.95
C GLY C 126 -36.88 1.34 6.26
N GLU C 127 -37.94 1.93 6.83
CA GLU C 127 -38.26 1.62 8.22
C GLU C 127 -39.06 0.33 8.36
N PHE C 128 -40.35 0.33 8.00
CA PHE C 128 -41.01 -0.94 7.73
C PHE C 128 -42.08 -0.89 6.65
N ARG C 129 -42.69 0.26 6.37
CA ARG C 129 -43.73 0.31 5.36
C ARG C 129 -43.39 1.29 4.24
N THR C 130 -42.11 1.63 4.10
CA THR C 130 -41.65 2.66 3.20
C THR C 130 -41.69 2.24 1.73
N GLY C 131 -42.05 1.01 1.40
CA GLY C 131 -42.23 0.63 0.02
C GLY C 131 -41.02 0.01 -0.64
N LYS C 132 -40.42 -0.99 0.00
CA LYS C 132 -39.26 -1.66 -0.59
C LYS C 132 -39.69 -2.84 -1.45
N THR C 133 -40.67 -3.61 -0.99
CA THR C 133 -41.25 -4.66 -1.82
C THR C 133 -42.10 -4.10 -2.95
N GLN C 134 -42.71 -2.93 -2.74
CA GLN C 134 -43.50 -2.30 -3.78
C GLN C 134 -42.63 -1.77 -4.92
N LEU C 135 -41.44 -1.29 -4.59
CA LEU C 135 -40.50 -0.87 -5.62
C LEU C 135 -39.99 -2.06 -6.42
N SER C 136 -39.85 -3.22 -5.77
CA SER C 136 -39.34 -4.39 -6.46
C SER C 136 -40.40 -5.05 -7.32
N HIS C 137 -41.68 -4.80 -7.01
CA HIS C 137 -42.75 -5.36 -7.82
C HIS C 137 -42.99 -4.57 -9.10
N THR C 138 -42.63 -3.29 -9.12
CA THR C 138 -42.78 -2.52 -10.34
C THR C 138 -41.66 -2.85 -11.32
N LEU C 139 -40.47 -3.13 -10.81
CA LEU C 139 -39.33 -3.44 -11.66
C LEU C 139 -39.49 -4.78 -12.37
N CYS C 140 -40.32 -5.67 -11.85
CA CYS C 140 -40.63 -6.90 -12.59
C CYS C 140 -41.55 -6.66 -13.78
N VAL C 141 -42.15 -5.48 -13.88
CA VAL C 141 -43.01 -5.12 -15.01
C VAL C 141 -42.34 -4.09 -15.90
N THR C 142 -41.74 -3.07 -15.30
CA THR C 142 -41.21 -1.95 -16.06
C THR C 142 -39.90 -2.25 -16.76
N ALA C 143 -39.27 -3.40 -16.48
CA ALA C 143 -38.04 -3.77 -17.16
C ALA C 143 -38.26 -4.64 -18.38
N GLN C 144 -39.50 -5.05 -18.64
CA GLN C 144 -39.86 -5.74 -19.87
C GLN C 144 -40.38 -4.79 -20.94
N LEU C 145 -40.25 -3.49 -20.73
CA LEU C 145 -40.81 -2.50 -21.61
C LEU C 145 -39.73 -1.65 -22.24
N PRO C 146 -39.75 -1.46 -23.56
CA PRO C 146 -38.73 -0.64 -24.23
C PRO C 146 -38.82 0.83 -23.85
N GLY C 147 -37.81 1.33 -23.14
CA GLY C 147 -37.82 2.69 -22.63
C GLY C 147 -36.78 3.58 -23.28
N ALA C 148 -36.13 4.40 -22.46
CA ALA C 148 -35.19 5.40 -22.93
C ALA C 148 -33.80 4.79 -23.13
N GLY C 149 -33.00 5.47 -23.96
CA GLY C 149 -31.66 5.02 -24.24
C GLY C 149 -31.56 3.81 -25.13
N GLY C 150 -32.64 3.41 -25.79
CA GLY C 150 -32.60 2.21 -26.60
C GLY C 150 -32.62 0.92 -25.81
N TYR C 151 -33.11 0.94 -24.59
CA TYR C 151 -33.13 -0.25 -23.76
C TYR C 151 -34.23 -1.20 -24.25
N PRO C 152 -33.89 -2.42 -24.68
CA PRO C 152 -34.90 -3.26 -25.32
C PRO C 152 -35.84 -3.97 -24.37
N GLY C 153 -35.37 -4.40 -23.21
CA GLY C 153 -36.23 -5.09 -22.25
C GLY C 153 -36.14 -6.60 -22.31
N GLY C 154 -35.87 -7.24 -21.17
CA GLY C 154 -35.68 -8.68 -21.14
C GLY C 154 -36.29 -9.29 -19.90
N LYS C 155 -35.81 -10.49 -19.56
CA LYS C 155 -36.37 -11.25 -18.46
C LYS C 155 -35.67 -10.91 -17.15
N ILE C 156 -36.20 -11.45 -16.06
CA ILE C 156 -35.92 -10.98 -14.70
C ILE C 156 -35.82 -12.16 -13.75
N ILE C 157 -34.76 -12.19 -12.94
CA ILE C 157 -34.61 -13.17 -11.87
C ILE C 157 -35.00 -12.52 -10.55
N PHE C 158 -35.80 -13.23 -9.74
CA PHE C 158 -36.24 -12.75 -8.43
C PHE C 158 -35.84 -13.78 -7.38
N ILE C 159 -35.09 -13.36 -6.38
CA ILE C 159 -34.76 -14.18 -5.23
C ILE C 159 -35.42 -13.54 -4.02
N ASP C 160 -36.37 -14.23 -3.40
CA ASP C 160 -37.10 -13.66 -2.27
C ASP C 160 -36.74 -14.38 -0.98
N THR C 161 -36.55 -13.60 0.08
CA THR C 161 -36.14 -14.16 1.36
C THR C 161 -37.16 -14.06 2.48
N GLU C 162 -38.08 -13.08 2.48
CA GLU C 162 -39.08 -13.16 3.54
C GLU C 162 -40.25 -14.07 3.19
N ASN C 163 -41.24 -13.52 2.48
CA ASN C 163 -42.23 -14.32 1.76
C ASN C 163 -42.90 -13.54 0.64
N THR C 164 -42.52 -12.28 0.43
CA THR C 164 -43.41 -11.29 -0.17
C THR C 164 -43.17 -11.21 -1.68
N PHE C 165 -43.72 -12.18 -2.39
CA PHE C 165 -43.75 -12.18 -3.85
C PHE C 165 -45.16 -12.57 -4.30
N ARG C 166 -46.15 -11.79 -3.89
CA ARG C 166 -47.51 -11.96 -4.37
C ARG C 166 -47.58 -11.71 -5.87
N PRO C 167 -47.83 -12.74 -6.69
CA PRO C 167 -47.84 -12.54 -8.14
C PRO C 167 -49.09 -11.87 -8.66
N ASP C 168 -50.15 -11.77 -7.85
CA ASP C 168 -51.32 -11.02 -8.27
C ASP C 168 -51.09 -9.52 -8.20
N ARG C 169 -50.07 -9.08 -7.47
CA ARG C 169 -49.72 -7.66 -7.45
C ARG C 169 -49.15 -7.21 -8.78
N LEU C 170 -48.57 -8.14 -9.55
CA LEU C 170 -48.05 -7.79 -10.87
C LEU C 170 -49.18 -7.54 -11.85
N ARG C 171 -50.30 -8.23 -11.68
CA ARG C 171 -51.44 -8.02 -12.56
C ARG C 171 -52.21 -6.74 -12.23
N ASP C 172 -51.84 -6.02 -11.18
CA ASP C 172 -52.22 -4.63 -11.02
C ASP C 172 -51.31 -3.69 -11.78
N ILE C 173 -50.01 -4.00 -11.84
CA ILE C 173 -49.05 -3.12 -12.48
C ILE C 173 -48.96 -3.41 -13.97
N ALA C 174 -49.39 -4.60 -14.40
CA ALA C 174 -49.46 -4.89 -15.83
C ALA C 174 -50.57 -4.12 -16.53
N ASP C 175 -51.54 -3.59 -15.78
CA ASP C 175 -52.67 -2.90 -16.39
C ASP C 175 -52.38 -1.44 -16.70
N ARG C 176 -51.59 -0.76 -15.86
CA ARG C 176 -51.30 0.65 -16.13
C ARG C 176 -50.26 0.83 -17.21
N PHE C 177 -49.58 -0.24 -17.63
CA PHE C 177 -48.68 -0.20 -18.77
C PHE C 177 -49.28 -0.87 -19.99
N ASN C 178 -50.47 -1.46 -19.85
CA ASN C 178 -51.30 -2.00 -20.93
C ASN C 178 -50.58 -3.10 -21.70
N VAL C 179 -50.13 -4.10 -20.94
CA VAL C 179 -49.56 -5.32 -21.49
C VAL C 179 -50.40 -6.49 -20.97
N ASP C 180 -50.35 -7.60 -21.68
CA ASP C 180 -51.18 -8.73 -21.31
C ASP C 180 -50.55 -9.49 -20.16
N HIS C 181 -51.35 -10.34 -19.51
CA HIS C 181 -50.92 -10.91 -18.24
C HIS C 181 -50.10 -12.18 -18.43
N ASP C 182 -50.14 -12.77 -19.62
CA ASP C 182 -49.33 -13.96 -19.84
C ASP C 182 -47.86 -13.60 -20.03
N ALA C 183 -47.58 -12.54 -20.80
CA ALA C 183 -46.21 -12.17 -21.14
C ALA C 183 -45.51 -11.43 -20.01
N VAL C 184 -46.25 -11.03 -18.99
CA VAL C 184 -45.64 -10.39 -17.82
C VAL C 184 -45.46 -11.36 -16.66
N LEU C 185 -46.13 -12.50 -16.65
CA LEU C 185 -45.93 -13.52 -15.64
C LEU C 185 -45.03 -14.66 -16.12
N ASP C 186 -44.48 -14.55 -17.32
CA ASP C 186 -43.71 -15.62 -17.92
C ASP C 186 -42.22 -15.30 -18.01
N ASN C 187 -41.86 -14.02 -17.95
CA ASN C 187 -40.48 -13.58 -18.01
C ASN C 187 -39.89 -13.32 -16.64
N VAL C 188 -40.54 -13.79 -15.59
CA VAL C 188 -40.06 -13.63 -14.21
C VAL C 188 -39.78 -15.03 -13.69
N LEU C 189 -38.55 -15.26 -13.24
CA LEU C 189 -38.20 -16.52 -12.60
C LEU C 189 -38.05 -16.31 -11.11
N TYR C 190 -38.50 -17.28 -10.33
CA TYR C 190 -38.63 -17.12 -8.90
C TYR C 190 -38.02 -18.31 -8.17
N ALA C 191 -37.35 -18.02 -7.07
CA ALA C 191 -36.82 -19.05 -6.18
C ALA C 191 -36.63 -18.45 -4.81
N ARG C 192 -37.13 -19.11 -3.78
CA ARG C 192 -36.99 -18.62 -2.42
C ARG C 192 -35.80 -19.30 -1.74
N ALA C 193 -34.84 -18.48 -1.31
CA ALA C 193 -33.78 -18.98 -0.45
C ALA C 193 -34.31 -19.13 0.97
N TYR C 194 -34.09 -20.29 1.55
CA TYR C 194 -34.52 -20.60 2.89
C TYR C 194 -33.49 -20.24 3.95
N THR C 195 -32.20 -20.24 3.61
CA THR C 195 -31.14 -19.86 4.52
C THR C 195 -30.03 -19.23 3.70
N SER C 196 -29.03 -18.71 4.42
CA SER C 196 -27.98 -17.92 3.78
C SER C 196 -27.02 -18.81 3.00
N GLU C 197 -26.91 -20.09 3.37
CA GLU C 197 -26.16 -21.00 2.50
C GLU C 197 -26.94 -21.32 1.25
N HIS C 198 -28.25 -21.53 1.36
CA HIS C 198 -29.10 -21.69 0.20
C HIS C 198 -29.18 -20.41 -0.62
N GLN C 199 -28.95 -19.25 0.00
CA GLN C 199 -28.77 -18.02 -0.74
C GLN C 199 -27.45 -18.03 -1.51
N MET C 200 -26.42 -18.68 -0.97
CA MET C 200 -25.12 -18.76 -1.63
C MET C 200 -25.13 -19.72 -2.82
N GLU C 201 -25.67 -20.92 -2.64
CA GLU C 201 -25.72 -21.91 -3.70
C GLU C 201 -26.74 -21.59 -4.79
N LEU C 202 -27.57 -20.58 -4.60
CA LEU C 202 -28.56 -20.25 -5.60
C LEU C 202 -27.97 -19.37 -6.71
N LEU C 203 -26.79 -18.80 -6.49
CA LEU C 203 -26.14 -17.98 -7.50
C LEU C 203 -25.44 -18.81 -8.57
N ASP C 204 -25.29 -20.12 -8.36
CA ASP C 204 -24.78 -20.98 -9.42
C ASP C 204 -25.81 -21.12 -10.53
N TYR C 205 -27.07 -21.32 -10.16
CA TYR C 205 -28.16 -21.39 -11.14
C TYR C 205 -28.47 -20.04 -11.74
N VAL C 206 -28.08 -18.95 -11.09
CA VAL C 206 -28.22 -17.63 -11.68
C VAL C 206 -27.27 -17.47 -12.87
N ALA C 207 -26.02 -17.92 -12.70
CA ALA C 207 -25.06 -17.85 -13.78
C ALA C 207 -25.35 -18.87 -14.86
N ALA C 208 -25.85 -20.06 -14.49
CA ALA C 208 -26.17 -21.09 -15.48
C ALA C 208 -27.40 -20.72 -16.29
N LYS C 209 -28.27 -19.88 -15.73
CA LYS C 209 -29.40 -19.38 -16.50
C LYS C 209 -29.02 -18.17 -17.33
N PHE C 210 -28.07 -17.37 -16.85
CA PHE C 210 -27.65 -16.19 -17.59
C PHE C 210 -26.84 -16.57 -18.82
N HIS C 211 -26.14 -17.69 -18.76
CA HIS C 211 -25.18 -18.06 -19.80
C HIS C 211 -25.84 -18.74 -20.99
N GLU C 212 -26.78 -19.66 -20.75
CA GLU C 212 -27.40 -20.37 -21.85
C GLU C 212 -28.43 -19.52 -22.59
N GLU C 213 -28.87 -18.42 -22.00
CA GLU C 213 -29.76 -17.46 -22.66
C GLU C 213 -29.01 -16.13 -22.65
N ALA C 214 -28.19 -15.91 -23.67
CA ALA C 214 -27.25 -14.80 -23.67
C ALA C 214 -27.96 -13.51 -24.04
N GLY C 215 -27.98 -12.56 -23.10
CA GLY C 215 -28.44 -11.22 -23.37
C GLY C 215 -29.93 -10.97 -23.24
N ILE C 216 -30.71 -11.95 -22.79
CA ILE C 216 -32.14 -11.72 -22.63
C ILE C 216 -32.50 -11.82 -21.16
N PHE C 217 -31.55 -11.49 -20.29
CA PHE C 217 -31.80 -11.27 -18.89
C PHE C 217 -31.24 -9.91 -18.53
N LYS C 218 -32.00 -9.13 -17.77
CA LYS C 218 -31.65 -7.73 -17.59
C LYS C 218 -31.42 -7.30 -16.15
N LEU C 219 -32.05 -7.94 -15.17
CA LEU C 219 -31.76 -7.59 -13.79
C LEU C 219 -31.90 -8.82 -12.90
N LEU C 220 -31.57 -8.59 -11.63
CA LEU C 220 -31.56 -9.61 -10.60
C LEU C 220 -31.96 -8.94 -9.29
N ILE C 221 -33.01 -9.43 -8.65
CA ILE C 221 -33.52 -8.86 -7.41
C ILE C 221 -33.32 -9.86 -6.29
N ILE C 222 -32.61 -9.46 -5.25
CA ILE C 222 -32.65 -10.11 -3.95
C ILE C 222 -33.54 -9.26 -3.07
N ASP C 223 -34.61 -9.88 -2.53
CA ASP C 223 -35.65 -9.12 -1.84
C ASP C 223 -35.13 -8.55 -0.54
N SER C 224 -34.29 -9.31 0.16
CA SER C 224 -33.48 -8.76 1.25
C SER C 224 -32.24 -9.63 1.41
N ILE C 225 -31.09 -8.99 1.50
CA ILE C 225 -29.83 -9.71 1.59
C ILE C 225 -29.60 -10.22 3.00
N MET C 226 -30.19 -9.57 4.00
CA MET C 226 -29.89 -9.86 5.39
C MET C 226 -31.11 -10.17 6.23
N ALA C 227 -32.21 -10.61 5.63
CA ALA C 227 -33.24 -11.25 6.44
C ALA C 227 -32.79 -12.61 6.94
N LEU C 228 -31.88 -13.27 6.21
CA LEU C 228 -31.38 -14.58 6.58
C LEU C 228 -29.98 -14.56 7.19
N PHE C 229 -29.19 -13.54 6.90
CA PHE C 229 -27.83 -13.46 7.44
C PHE C 229 -27.80 -13.03 8.90
N ARG C 230 -28.95 -12.73 9.48
CA ARG C 230 -28.99 -12.29 10.87
C ARG C 230 -29.57 -13.34 11.82
N VAL C 231 -30.46 -14.19 11.31
CA VAL C 231 -31.05 -15.24 12.13
C VAL C 231 -30.02 -16.29 12.58
N ASP C 232 -29.14 -16.66 11.66
CA ASP C 232 -28.12 -17.68 11.90
C ASP C 232 -27.06 -17.37 12.96
N PHE C 233 -26.61 -16.13 13.00
CA PHE C 233 -25.57 -15.72 13.95
C PHE C 233 -26.14 -14.90 15.09
N SER C 234 -25.59 -15.08 16.29
CA SER C 234 -26.05 -14.34 17.47
C SER C 234 -25.49 -12.91 17.57
N GLY C 235 -24.99 -12.55 18.75
CA GLY C 235 -24.42 -11.24 18.94
C GLY C 235 -22.96 -11.17 18.58
N ARG C 236 -22.21 -10.51 19.45
CA ARG C 236 -20.78 -10.31 19.29
C ARG C 236 -19.89 -11.54 19.48
N GLY C 237 -20.44 -12.62 20.03
CA GLY C 237 -19.65 -13.80 20.27
C GLY C 237 -19.04 -14.36 19.01
N GLU C 238 -19.80 -14.40 17.92
CA GLU C 238 -19.24 -14.87 16.65
C GLU C 238 -19.62 -13.95 15.50
N LEU C 239 -19.27 -12.69 15.63
CA LEU C 239 -19.53 -11.65 14.63
C LEU C 239 -18.79 -11.84 13.30
N ALA C 240 -17.54 -12.28 13.39
CA ALA C 240 -16.68 -12.43 12.22
C ALA C 240 -17.13 -13.42 11.14
N GLU C 241 -17.66 -14.57 11.54
CA GLU C 241 -18.08 -15.57 10.55
C GLU C 241 -19.06 -15.06 9.49
N ARG C 242 -19.53 -13.83 9.68
CA ARG C 242 -20.52 -13.22 8.79
C ARG C 242 -19.89 -12.25 7.82
N GLN C 243 -18.93 -11.46 8.30
CA GLN C 243 -18.26 -10.49 7.44
C GLN C 243 -17.50 -11.20 6.33
N MET C 244 -16.85 -12.32 6.66
CA MET C 244 -16.09 -13.07 5.67
C MET C 244 -17.01 -13.89 4.77
N LYS C 245 -18.30 -13.87 5.08
CA LYS C 245 -19.29 -14.59 4.30
C LYS C 245 -20.26 -13.67 3.57
N LEU C 246 -20.44 -12.44 4.05
CA LEU C 246 -21.05 -11.42 3.21
C LEU C 246 -20.10 -11.01 2.10
N ALA C 247 -18.80 -10.91 2.44
CA ALA C 247 -17.81 -10.52 1.47
C ALA C 247 -17.62 -11.56 0.37
N GLN C 248 -18.05 -12.81 0.60
CA GLN C 248 -18.14 -13.73 -0.52
C GLN C 248 -19.21 -13.31 -1.51
N MET C 249 -20.45 -13.07 -1.05
CA MET C 249 -21.51 -12.88 -2.03
C MET C 249 -21.72 -11.42 -2.40
N LEU C 250 -20.95 -10.51 -1.82
CA LEU C 250 -21.00 -9.14 -2.31
C LEU C 250 -20.06 -8.93 -3.49
N SER C 251 -19.05 -9.78 -3.63
CA SER C 251 -18.16 -9.72 -4.78
C SER C 251 -18.51 -10.79 -5.82
N ARG C 252 -19.09 -11.91 -5.37
CA ARG C 252 -19.78 -12.83 -6.26
C ARG C 252 -20.84 -12.12 -7.08
N LEU C 253 -21.57 -11.20 -6.44
CA LEU C 253 -22.65 -10.50 -7.10
C LEU C 253 -22.13 -9.41 -8.02
N GLN C 254 -21.02 -8.77 -7.66
CA GLN C 254 -20.42 -7.76 -8.52
C GLN C 254 -19.79 -8.39 -9.74
N LYS C 255 -19.27 -9.61 -9.62
CA LYS C 255 -18.65 -10.27 -10.75
C LYS C 255 -19.68 -10.79 -11.73
N ILE C 256 -20.86 -11.20 -11.23
CA ILE C 256 -21.93 -11.66 -12.11
C ILE C 256 -22.46 -10.52 -12.95
N SER C 257 -22.58 -9.33 -12.35
CA SER C 257 -23.09 -8.16 -13.05
C SER C 257 -22.16 -7.65 -14.13
N GLU C 258 -20.88 -8.01 -14.13
CA GLU C 258 -19.95 -7.55 -15.15
C GLU C 258 -19.69 -8.55 -16.27
N GLU C 259 -19.76 -9.85 -16.00
CA GLU C 259 -19.66 -10.82 -17.09
C GLU C 259 -20.88 -10.74 -18.02
N TYR C 260 -22.06 -10.60 -17.44
CA TYR C 260 -23.30 -10.74 -18.19
C TYR C 260 -24.06 -9.45 -18.39
N ASN C 261 -23.59 -8.34 -17.80
CA ASN C 261 -24.13 -6.99 -17.97
C ASN C 261 -25.60 -6.93 -17.54
N VAL C 262 -25.82 -7.17 -16.25
CA VAL C 262 -27.14 -7.12 -15.65
C VAL C 262 -27.12 -6.19 -14.45
N ALA C 263 -28.27 -5.57 -14.19
CA ALA C 263 -28.43 -4.74 -13.01
C ALA C 263 -28.65 -5.61 -11.78
N VAL C 264 -28.29 -5.08 -10.62
CA VAL C 264 -28.45 -5.78 -9.35
C VAL C 264 -29.13 -4.81 -8.38
N PHE C 265 -30.31 -5.20 -7.89
CA PHE C 265 -31.08 -4.40 -6.95
C PHE C 265 -31.33 -5.22 -5.69
N VAL C 266 -30.79 -4.76 -4.57
CA VAL C 266 -31.02 -5.40 -3.28
C VAL C 266 -31.71 -4.40 -2.37
N THR C 267 -32.47 -4.92 -1.41
CA THR C 267 -33.11 -4.08 -0.41
C THR C 267 -32.60 -4.48 0.97
N ASN C 268 -32.68 -3.54 1.90
CA ASN C 268 -32.10 -3.74 3.22
C ASN C 268 -33.10 -3.31 4.28
N GLN C 269 -32.95 -3.90 5.47
CA GLN C 269 -33.75 -3.54 6.63
C GLN C 269 -32.96 -2.61 7.54
N MET C 270 -33.58 -2.16 8.62
CA MET C 270 -32.94 -1.21 9.52
C MET C 270 -33.00 -1.70 10.95
N THR C 271 -32.27 -1.00 11.81
CA THR C 271 -32.25 -1.30 13.23
C THR C 271 -32.12 0.01 13.99
N ALA C 272 -32.30 -0.08 15.31
CA ALA C 272 -32.38 1.10 16.15
C ALA C 272 -31.00 1.47 16.72
N PRO C 284 -31.30 7.88 14.63
CA PRO C 284 -31.46 6.81 15.62
C PRO C 284 -31.57 5.48 14.91
N LYS C 285 -31.40 5.53 13.59
CA LYS C 285 -31.49 4.36 12.74
C LYS C 285 -30.31 4.37 11.77
N LYS C 286 -29.92 3.16 11.36
CA LYS C 286 -28.93 2.96 10.31
C LYS C 286 -29.07 1.52 9.87
N PRO C 287 -28.78 1.18 8.61
CA PRO C 287 -29.06 -0.18 8.12
C PRO C 287 -28.15 -1.22 8.74
N ILE C 288 -28.50 -2.48 8.47
CA ILE C 288 -27.73 -3.59 9.04
C ILE C 288 -26.69 -4.05 8.02
N GLY C 289 -25.52 -4.48 8.51
CA GLY C 289 -24.41 -4.91 7.69
C GLY C 289 -23.17 -4.06 7.84
N GLY C 290 -23.35 -2.78 8.16
CA GLY C 290 -22.24 -1.93 8.49
C GLY C 290 -21.44 -1.49 7.28
N HIS C 291 -20.12 -1.49 7.47
CA HIS C 291 -19.23 -0.86 6.50
C HIS C 291 -18.95 -1.73 5.29
N ILE C 292 -19.10 -3.05 5.38
CA ILE C 292 -18.82 -3.89 4.23
C ILE C 292 -19.92 -3.74 3.18
N LEU C 293 -21.17 -3.75 3.61
CA LEU C 293 -22.26 -3.46 2.69
C LEU C 293 -22.25 -2.02 2.20
N ALA C 294 -21.89 -1.07 3.07
CA ALA C 294 -21.87 0.32 2.68
C ALA C 294 -20.76 0.62 1.70
N HIS C 295 -19.67 -0.13 1.75
CA HIS C 295 -18.59 0.06 0.79
C HIS C 295 -18.91 -0.61 -0.54
N ALA C 296 -19.42 -1.85 -0.49
CA ALA C 296 -19.67 -2.62 -1.70
C ALA C 296 -20.87 -2.16 -2.48
N SER C 297 -21.71 -1.29 -1.92
CA SER C 297 -22.87 -0.76 -2.63
C SER C 297 -22.48 0.49 -3.40
N THR C 298 -22.84 0.51 -4.67
CA THR C 298 -22.54 1.65 -5.53
C THR C 298 -23.50 2.81 -5.29
N THR C 299 -24.77 2.53 -5.02
CA THR C 299 -25.78 3.55 -4.80
C THR C 299 -26.75 3.09 -3.72
N ARG C 300 -26.96 3.94 -2.72
CA ARG C 300 -27.93 3.66 -1.67
C ARG C 300 -29.04 4.71 -1.69
N ILE C 301 -30.28 4.26 -1.57
CA ILE C 301 -31.44 5.14 -1.54
C ILE C 301 -32.13 4.93 -0.21
N SER C 302 -32.20 5.98 0.60
CA SER C 302 -32.99 5.90 1.82
C SER C 302 -34.45 6.20 1.52
N LEU C 303 -35.35 5.54 2.25
CA LEU C 303 -36.77 5.69 2.06
C LEU C 303 -37.43 5.98 3.40
N ARG C 304 -38.23 7.05 3.46
CA ARG C 304 -38.99 7.38 4.66
C ARG C 304 -40.37 7.82 4.25
N LYS C 305 -41.27 7.92 5.22
CA LYS C 305 -42.69 8.08 4.98
C LYS C 305 -43.13 9.53 5.10
N GLY C 306 -44.02 9.96 4.21
CA GLY C 306 -44.68 11.26 4.30
C GLY C 306 -46.12 11.09 4.70
N ARG C 307 -47.01 12.01 4.32
CA ARG C 307 -48.41 11.88 4.71
C ARG C 307 -49.05 10.82 3.81
N GLY C 308 -49.76 9.87 4.40
CA GLY C 308 -50.60 8.97 3.63
C GLY C 308 -49.84 7.99 2.75
N GLU C 309 -49.89 8.22 1.42
CA GLU C 309 -49.20 7.35 0.48
C GLU C 309 -48.02 8.03 -0.19
N LEU C 310 -47.57 9.15 0.34
CA LEU C 310 -46.37 9.80 -0.16
C LEU C 310 -45.16 9.33 0.63
N ARG C 311 -44.06 9.08 -0.09
CA ARG C 311 -42.79 8.72 0.53
C ARG C 311 -41.71 9.65 0.01
N ILE C 312 -40.60 9.70 0.74
CA ILE C 312 -39.46 10.54 0.40
C ILE C 312 -38.27 9.65 0.13
N ALA C 313 -37.43 10.03 -0.84
CA ALA C 313 -36.28 9.24 -1.24
C ALA C 313 -35.04 10.12 -1.31
N LYS C 314 -34.08 9.87 -0.41
CA LYS C 314 -32.82 10.59 -0.40
C LYS C 314 -31.71 9.69 -0.95
N ILE C 315 -30.62 10.32 -1.39
CA ILE C 315 -29.49 9.63 -1.99
C ILE C 315 -28.37 9.57 -0.96
N TYR C 316 -27.91 8.36 -0.67
CA TYR C 316 -26.69 8.13 0.11
C TYR C 316 -25.69 7.44 -0.80
N ASP C 317 -24.46 7.95 -0.85
CA ASP C 317 -23.29 7.28 -1.45
C ASP C 317 -23.53 6.96 -2.93
N SER C 318 -23.58 8.00 -3.74
CA SER C 318 -23.58 7.78 -5.17
C SER C 318 -22.31 8.35 -5.80
N PRO C 319 -21.78 7.73 -6.86
CA PRO C 319 -20.56 8.27 -7.47
C PRO C 319 -20.77 9.49 -8.36
N GLU C 320 -21.99 9.72 -8.84
CA GLU C 320 -22.27 10.82 -9.76
C GLU C 320 -23.26 11.83 -9.21
N MET C 321 -24.33 11.36 -8.60
CA MET C 321 -25.47 12.20 -8.25
C MET C 321 -25.29 12.84 -6.88
N PRO C 322 -25.80 14.05 -6.69
CA PRO C 322 -25.73 14.71 -5.39
C PRO C 322 -26.88 14.28 -4.49
N GLU C 323 -26.86 14.75 -3.25
CA GLU C 323 -27.84 14.39 -2.25
C GLU C 323 -29.09 15.25 -2.45
N ASN C 324 -30.12 14.67 -3.07
CA ASN C 324 -31.37 15.38 -3.28
C ASN C 324 -32.52 14.49 -2.80
N GLU C 325 -33.74 15.00 -2.98
CA GLU C 325 -34.93 14.30 -2.52
C GLU C 325 -35.99 14.34 -3.61
N ALA C 326 -36.92 13.38 -3.54
CA ALA C 326 -38.00 13.25 -4.52
C ALA C 326 -39.14 12.39 -3.98
N THR C 327 -40.29 13.02 -3.74
CA THR C 327 -41.46 12.30 -3.25
C THR C 327 -42.06 11.38 -4.32
N PHE C 328 -42.52 10.21 -3.90
CA PHE C 328 -43.15 9.26 -4.80
C PHE C 328 -44.36 8.64 -4.12
N ALA C 329 -45.32 8.14 -4.90
CA ALA C 329 -46.52 7.57 -4.33
C ALA C 329 -46.68 6.06 -4.55
N ILE C 330 -47.34 5.40 -3.61
CA ILE C 330 -47.61 3.96 -3.67
C ILE C 330 -49.10 3.82 -3.97
N THR C 331 -49.41 3.69 -5.25
CA THR C 331 -50.77 3.60 -5.72
C THR C 331 -51.06 2.18 -6.18
N ALA C 332 -52.29 1.96 -6.65
CA ALA C 332 -52.63 0.69 -7.30
C ALA C 332 -51.96 0.69 -8.67
N GLY C 333 -50.79 0.06 -8.74
CA GLY C 333 -49.94 0.18 -9.90
C GLY C 333 -48.52 0.49 -9.47
N GLY C 334 -48.29 0.42 -8.16
CA GLY C 334 -46.96 0.59 -7.62
C GLY C 334 -46.52 2.02 -7.47
N ILE C 335 -45.35 2.34 -8.02
CA ILE C 335 -44.73 3.65 -7.82
C ILE C 335 -45.31 4.62 -8.84
N GLY C 336 -45.70 5.81 -8.38
CA GLY C 336 -46.25 6.84 -9.22
C GLY C 336 -45.84 8.23 -8.76
N ASP C 337 -46.68 9.22 -9.02
CA ASP C 337 -46.31 10.60 -8.73
C ASP C 337 -47.28 11.30 -7.76
#